data_6S00
#
_entry.id   6S00
#
_cell.length_a   64.262
_cell.length_b   79.017
_cell.length_c   112.935
_cell.angle_alpha   90.000
_cell.angle_beta   94.830
_cell.angle_gamma   90.000
#
_symmetry.space_group_name_H-M   'P 1 21 1'
#
loop_
_entity.id
_entity.type
_entity.pdbx_description
1 polymer 'exosialidase from uncultured bacterium pG7'
2 non-polymer GLYCEROL
3 non-polymer 'N-acetyl-beta-neuraminic acid'
4 non-polymer 'TETRAETHYLENE GLYCOL'
5 water water
#
_entity_poly.entity_id   1
_entity_poly.type   'polypeptide(L)'
_entity_poly.pdbx_seq_one_letter_code
;MRPETIPGISLNEDNSHYFYTRAGRRLSAEEVDSWVDQYAGTQVKELMLCPNCMRTSYASQVWDPIWRGYDPAGPDDQPL
LASLPPEERVAARGWIHTAWQLHQDGIDIYARWIRRCRQRGISPWISMRMNDVHYVNDERCFLHSEFWRENPQLRRVPYR
FAEWTDRAFDYGRAEVREHHLKLIRELAARYDFDGLELDWMRFGFHFRPGYEAEGAEILTAFTAEVRRLLDDWEKRRGHK
IHLGARIPSRPATALGLGMDAVTWARRGLVDMLVITPFWASAETDMPVEIWRQLLEGTGVTLAAGLEVLLRPYPDSPLFQ
TNSLETVRGAAASLLDRGAQRIYLFNYMDSQTAMEDLENYPTLLREIGSLETLAGKPRRHVLTFADTWAPGEPRAIPLPA
TCRPGEWRAFRLHTGPKPEPGEVIAALGIEGGVAIGPETLEVRVNGELCAFLGLVDLSKPRPDFPVYGFSVPLAAMRRGY
NLIEVTARQELRFGWAEFLIRPWHSHHHHHH
;
_entity_poly.pdbx_strand_id   A,B
#
loop_
_chem_comp.id
_chem_comp.type
_chem_comp.name
_chem_comp.formula
GOL non-polymer GLYCEROL 'C3 H8 O3'
PG4 non-polymer 'TETRAETHYLENE GLYCOL' 'C8 H18 O5'
SLB D-saccharide, beta linking 'N-acetyl-beta-neuraminic acid' 'C11 H19 N O9'
#
# COMPACT_ATOMS: atom_id res chain seq x y z
N ILE A 6 -20.50 15.96 -15.22
CA ILE A 6 -20.48 14.80 -14.26
C ILE A 6 -19.37 13.84 -14.65
N PRO A 7 -18.82 13.03 -13.71
CA PRO A 7 -17.77 12.06 -14.06
C PRO A 7 -18.22 11.07 -15.15
N GLY A 8 -19.36 10.41 -14.94
CA GLY A 8 -19.96 9.52 -15.98
C GLY A 8 -19.34 8.13 -16.00
N ILE A 9 -19.74 7.30 -16.96
CA ILE A 9 -19.43 5.85 -17.00
C ILE A 9 -18.66 5.55 -18.29
N SER A 10 -17.68 4.68 -18.17
CA SER A 10 -16.98 3.94 -19.25
C SER A 10 -17.43 2.50 -19.08
N LEU A 11 -17.95 1.88 -20.14
CA LEU A 11 -18.51 0.49 -20.07
C LEU A 11 -17.73 -0.35 -21.10
N ASN A 12 -17.19 -1.45 -20.63
CA ASN A 12 -16.37 -2.40 -21.40
C ASN A 12 -17.30 -3.53 -21.88
N GLU A 13 -17.34 -3.74 -23.19
CA GLU A 13 -17.95 -4.93 -23.80
C GLU A 13 -16.78 -5.86 -24.14
N ASP A 14 -16.79 -7.09 -23.62
CA ASP A 14 -15.73 -8.11 -23.81
C ASP A 14 -15.74 -8.69 -25.25
N ASN A 15 -14.70 -9.45 -25.57
CA ASN A 15 -14.42 -9.94 -26.96
C ASN A 15 -15.41 -11.04 -27.38
N SER A 16 -16.13 -11.69 -26.47
CA SER A 16 -16.87 -12.96 -26.76
C SER A 16 -18.39 -12.91 -26.53
N HIS A 17 -18.83 -12.06 -25.61
CA HIS A 17 -20.20 -12.02 -25.06
C HIS A 17 -21.28 -11.92 -26.14
N TYR A 18 -21.14 -10.90 -26.99
CA TYR A 18 -22.17 -10.56 -27.98
C TYR A 18 -22.34 -11.78 -28.89
N PHE A 19 -21.23 -12.42 -29.25
CA PHE A 19 -21.23 -13.60 -30.16
C PHE A 19 -21.86 -14.80 -29.48
N TYR A 20 -21.52 -15.03 -28.21
CA TYR A 20 -22.07 -16.17 -27.43
C TYR A 20 -23.60 -16.05 -27.27
N THR A 21 -24.07 -14.86 -26.87
CA THR A 21 -25.51 -14.64 -26.52
C THR A 21 -26.45 -14.53 -27.73
N ARG A 22 -25.97 -14.05 -28.88
CA ARG A 22 -26.80 -13.89 -30.09
C ARG A 22 -26.62 -15.11 -31.03
N ALA A 23 -25.86 -16.13 -30.65
CA ALA A 23 -25.60 -17.35 -31.45
C ALA A 23 -26.95 -17.93 -31.93
N GLY A 24 -27.00 -18.40 -33.17
CA GLY A 24 -28.16 -19.18 -33.69
C GLY A 24 -29.14 -18.33 -34.46
N ARG A 25 -28.96 -17.02 -34.38
CA ARG A 25 -29.76 -15.99 -35.09
C ARG A 25 -28.89 -15.58 -36.27
N ARG A 26 -29.45 -15.33 -37.42
CA ARG A 26 -28.74 -14.69 -38.54
C ARG A 26 -28.83 -13.17 -38.29
N LEU A 27 -27.79 -12.49 -37.83
CA LEU A 27 -27.90 -11.08 -37.37
C LEU A 27 -27.85 -10.14 -38.57
N SER A 28 -28.77 -9.18 -38.57
CA SER A 28 -28.82 -8.05 -39.52
C SER A 28 -27.95 -6.91 -39.01
N ALA A 29 -27.54 -6.07 -39.95
CA ALA A 29 -26.79 -4.82 -39.64
C ALA A 29 -27.61 -4.00 -38.63
N GLU A 30 -28.94 -4.03 -38.76
CA GLU A 30 -29.85 -3.22 -37.94
C GLU A 30 -29.76 -3.71 -36.50
N GLU A 31 -29.79 -5.03 -36.27
CA GLU A 31 -29.79 -5.61 -34.92
C GLU A 31 -28.43 -5.32 -34.27
N VAL A 32 -27.34 -5.52 -35.01
CA VAL A 32 -25.96 -5.21 -34.57
C VAL A 32 -25.98 -3.76 -34.05
N ASP A 33 -26.51 -2.82 -34.82
CA ASP A 33 -26.55 -1.40 -34.44
C ASP A 33 -27.38 -1.24 -33.16
N SER A 34 -28.48 -1.97 -33.02
CA SER A 34 -29.43 -1.79 -31.88
C SER A 34 -28.71 -2.11 -30.54
N TRP A 35 -27.58 -2.80 -30.57
CA TRP A 35 -26.85 -3.13 -29.31
C TRP A 35 -26.35 -1.84 -28.66
N VAL A 36 -25.90 -0.86 -29.44
CA VAL A 36 -25.34 0.41 -28.95
C VAL A 36 -26.47 1.19 -28.28
N ASP A 37 -27.67 1.05 -28.81
CA ASP A 37 -28.82 1.95 -28.50
C ASP A 37 -29.17 1.91 -27.00
N GLN A 38 -29.09 0.74 -26.37
CA GLN A 38 -29.46 0.53 -24.95
C GLN A 38 -28.56 1.41 -24.03
N TYR A 39 -27.37 1.79 -24.49
CA TYR A 39 -26.43 2.65 -23.72
C TYR A 39 -26.65 4.13 -24.04
N ALA A 40 -27.48 4.50 -25.05
CA ALA A 40 -27.67 5.90 -25.45
C ALA A 40 -28.53 6.62 -24.42
N GLY A 41 -28.27 7.92 -24.20
CA GLY A 41 -29.06 8.73 -23.26
C GLY A 41 -28.88 8.29 -21.81
N THR A 42 -27.74 7.68 -21.46
CA THR A 42 -27.44 7.28 -20.07
C THR A 42 -26.25 8.11 -19.60
N GLN A 43 -25.62 7.70 -18.50
CA GLN A 43 -24.39 8.36 -18.01
C GLN A 43 -23.17 7.75 -18.68
N VAL A 44 -23.34 6.73 -19.54
CA VAL A 44 -22.23 6.15 -20.34
C VAL A 44 -21.69 7.24 -21.28
N LYS A 45 -20.45 7.67 -21.09
CA LYS A 45 -19.71 8.57 -22.00
C LYS A 45 -18.89 7.76 -23.03
N GLU A 46 -18.35 6.57 -22.68
CA GLU A 46 -17.48 5.79 -23.60
C GLU A 46 -17.88 4.32 -23.57
N LEU A 47 -17.96 3.70 -24.75
CA LEU A 47 -18.01 2.23 -24.81
C LEU A 47 -16.63 1.74 -25.21
N MET A 48 -16.04 0.88 -24.39
CA MET A 48 -14.73 0.25 -24.60
C MET A 48 -15.03 -1.12 -25.24
N LEU A 49 -14.87 -1.19 -26.57
CA LEU A 49 -15.26 -2.36 -27.38
C LEU A 49 -14.01 -3.24 -27.51
N CYS A 50 -14.04 -4.41 -26.88
CA CYS A 50 -12.88 -5.34 -26.89
C CYS A 50 -13.04 -6.30 -28.07
N PRO A 51 -12.11 -6.28 -29.06
CA PRO A 51 -12.20 -7.14 -30.24
C PRO A 51 -11.25 -8.34 -30.22
N ASN A 52 -10.65 -8.67 -29.07
CA ASN A 52 -9.69 -9.80 -29.11
C ASN A 52 -9.32 -10.35 -27.74
N CYS A 53 -8.78 -11.58 -27.80
CA CYS A 53 -8.13 -12.31 -26.70
C CYS A 53 -6.82 -12.75 -27.36
N MET A 54 -6.49 -14.04 -27.41
CA MET A 54 -5.27 -14.38 -28.18
C MET A 54 -5.61 -14.30 -29.67
N ARG A 55 -6.90 -14.39 -29.99
CA ARG A 55 -7.44 -14.33 -31.37
C ARG A 55 -8.43 -13.15 -31.48
N THR A 56 -8.72 -12.70 -32.71
CA THR A 56 -9.69 -11.59 -32.89
C THR A 56 -11.08 -12.15 -33.16
N SER A 57 -12.11 -11.38 -32.78
CA SER A 57 -13.50 -11.69 -33.09
C SER A 57 -13.90 -11.05 -34.44
N TYR A 58 -13.06 -10.17 -35.02
CA TYR A 58 -13.27 -9.64 -36.39
C TYR A 58 -12.27 -10.36 -37.32
N ALA A 59 -12.37 -10.13 -38.63
CA ALA A 59 -11.57 -10.85 -39.65
C ALA A 59 -10.19 -10.18 -39.81
N SER A 60 -9.30 -10.31 -38.82
CA SER A 60 -7.93 -9.71 -38.85
C SER A 60 -7.11 -10.31 -40.01
N GLN A 61 -6.20 -9.53 -40.61
CA GLN A 61 -5.22 -10.01 -41.64
C GLN A 61 -3.84 -10.17 -40.98
N VAL A 62 -3.66 -9.76 -39.72
CA VAL A 62 -2.32 -9.88 -39.08
C VAL A 62 -2.39 -10.87 -37.91
N TRP A 63 -3.56 -11.11 -37.33
CA TRP A 63 -3.74 -12.11 -36.23
C TRP A 63 -4.69 -13.22 -36.68
N ASP A 64 -4.82 -14.28 -35.90
CA ASP A 64 -5.87 -15.32 -36.10
C ASP A 64 -7.25 -14.80 -35.68
N PRO A 65 -8.27 -14.77 -36.59
CA PRO A 65 -9.65 -14.66 -36.13
C PRO A 65 -9.96 -15.93 -35.30
N ILE A 66 -10.99 -15.78 -34.49
CA ILE A 66 -11.51 -16.83 -33.58
C ILE A 66 -11.82 -18.07 -34.41
N TRP A 67 -12.16 -17.89 -35.71
CA TRP A 67 -12.65 -18.99 -36.56
C TRP A 67 -11.53 -19.60 -37.39
N ARG A 68 -10.27 -19.26 -37.16
CA ARG A 68 -9.19 -19.94 -37.93
C ARG A 68 -9.25 -21.45 -37.60
N GLY A 69 -9.32 -22.33 -38.60
CA GLY A 69 -9.43 -23.78 -38.37
C GLY A 69 -10.87 -24.29 -38.50
N TYR A 70 -11.83 -23.36 -38.57
CA TYR A 70 -13.27 -23.65 -38.37
C TYR A 70 -13.85 -24.25 -39.64
N ASP A 71 -14.67 -25.29 -39.48
CA ASP A 71 -15.44 -25.93 -40.58
C ASP A 71 -16.94 -25.60 -40.40
N PRO A 72 -17.43 -24.51 -41.03
CA PRO A 72 -18.78 -23.97 -40.80
C PRO A 72 -19.91 -24.99 -40.97
N ALA A 73 -19.76 -25.86 -41.95
CA ALA A 73 -20.74 -26.91 -42.33
C ALA A 73 -20.50 -28.18 -41.51
N GLY A 74 -19.40 -28.23 -40.77
CA GLY A 74 -18.92 -29.48 -40.16
C GLY A 74 -19.66 -29.81 -38.88
N PRO A 75 -19.40 -31.02 -38.36
CA PRO A 75 -19.88 -31.41 -37.03
C PRO A 75 -19.18 -30.65 -35.90
N ASP A 76 -19.84 -30.58 -34.73
CA ASP A 76 -19.27 -30.03 -33.48
C ASP A 76 -17.90 -30.64 -33.19
N ASP A 77 -17.80 -31.95 -33.27
CA ASP A 77 -16.54 -32.71 -33.08
C ASP A 77 -15.66 -32.52 -34.34
N GLN A 78 -14.99 -31.39 -34.43
CA GLN A 78 -14.07 -31.05 -35.55
C GLN A 78 -12.77 -30.57 -34.92
N PRO A 79 -11.64 -30.62 -35.65
CA PRO A 79 -10.31 -30.36 -35.04
C PRO A 79 -10.28 -29.08 -34.18
N LEU A 80 -10.83 -27.95 -34.64
CA LEU A 80 -10.75 -26.67 -33.86
C LEU A 80 -11.33 -26.81 -32.43
N LEU A 81 -12.38 -27.60 -32.23
CA LEU A 81 -13.12 -27.74 -30.94
C LEU A 81 -12.88 -29.12 -30.29
N ALA A 82 -12.06 -29.98 -30.90
CA ALA A 82 -11.84 -31.38 -30.47
C ALA A 82 -11.43 -31.41 -28.99
N SER A 83 -10.64 -30.44 -28.53
CA SER A 83 -10.07 -30.48 -27.16
C SER A 83 -11.15 -30.23 -26.11
N LEU A 84 -12.33 -29.69 -26.45
CA LEU A 84 -13.38 -29.45 -25.40
C LEU A 84 -14.26 -30.69 -25.27
N PRO A 85 -14.85 -30.94 -24.07
CA PRO A 85 -16.00 -31.86 -23.93
C PRO A 85 -17.16 -31.52 -24.88
N PRO A 86 -17.99 -32.50 -25.32
CA PRO A 86 -19.08 -32.22 -26.29
C PRO A 86 -19.93 -30.99 -25.94
N GLU A 87 -20.34 -30.85 -24.68
CA GLU A 87 -21.33 -29.79 -24.32
C GLU A 87 -20.61 -28.42 -24.34
N GLU A 88 -19.29 -28.31 -24.15
CA GLU A 88 -18.66 -26.97 -24.16
C GLU A 88 -18.36 -26.54 -25.59
N ARG A 89 -18.25 -27.50 -26.53
CA ARG A 89 -18.09 -27.17 -27.97
C ARG A 89 -19.30 -26.35 -28.43
N VAL A 90 -20.50 -26.62 -27.88
CA VAL A 90 -21.76 -25.92 -28.30
C VAL A 90 -21.59 -24.43 -27.97
N ALA A 91 -21.12 -24.11 -26.78
CA ALA A 91 -20.96 -22.70 -26.37
C ALA A 91 -19.86 -22.04 -27.21
N ALA A 92 -18.65 -22.62 -27.26
CA ALA A 92 -17.52 -22.09 -28.05
C ALA A 92 -17.95 -21.89 -29.52
N ARG A 93 -18.64 -22.86 -30.06
CA ARG A 93 -19.02 -22.78 -31.50
C ARG A 93 -20.04 -21.66 -31.65
N GLY A 94 -20.89 -21.37 -30.64
CA GLY A 94 -21.75 -20.20 -30.73
C GLY A 94 -20.93 -18.95 -31.04
N TRP A 95 -19.81 -18.75 -30.34
CA TRP A 95 -18.97 -17.56 -30.51
C TRP A 95 -18.32 -17.63 -31.90
N ILE A 96 -17.66 -18.73 -32.19
CA ILE A 96 -16.92 -18.84 -33.47
C ILE A 96 -17.88 -18.63 -34.65
N HIS A 97 -19.04 -19.26 -34.65
CA HIS A 97 -19.95 -19.25 -35.82
C HIS A 97 -20.57 -17.85 -35.99
N THR A 98 -21.00 -17.20 -34.92
CA THR A 98 -21.65 -15.89 -35.03
C THR A 98 -20.64 -14.88 -35.58
N ALA A 99 -19.42 -14.88 -35.05
CA ALA A 99 -18.31 -14.00 -35.50
C ALA A 99 -17.98 -14.31 -36.96
N TRP A 100 -17.94 -15.57 -37.30
CA TRP A 100 -17.66 -15.99 -38.70
C TRP A 100 -18.77 -15.48 -39.65
N GLN A 101 -20.04 -15.75 -39.30
CA GLN A 101 -21.24 -15.45 -40.14
C GLN A 101 -21.37 -13.94 -40.33
N LEU A 102 -21.09 -13.13 -39.30
CA LEU A 102 -21.01 -11.65 -39.42
C LEU A 102 -20.08 -11.31 -40.59
N HIS A 103 -18.83 -11.80 -40.54
CA HIS A 103 -17.79 -11.52 -41.57
C HIS A 103 -18.33 -11.94 -42.95
N GLN A 104 -18.82 -13.18 -43.08
CA GLN A 104 -19.46 -13.69 -44.33
C GLN A 104 -20.55 -12.76 -44.87
N ASP A 105 -21.31 -12.08 -44.01
CA ASP A 105 -22.36 -11.13 -44.42
C ASP A 105 -21.76 -9.76 -44.73
N GLY A 106 -20.46 -9.54 -44.69
CA GLY A 106 -19.82 -8.22 -44.91
C GLY A 106 -20.17 -7.22 -43.81
N ILE A 107 -20.38 -7.70 -42.59
CA ILE A 107 -20.72 -6.85 -41.41
C ILE A 107 -19.48 -6.84 -40.51
N ASP A 108 -18.79 -5.70 -40.44
CA ASP A 108 -17.66 -5.56 -39.49
C ASP A 108 -18.29 -5.03 -38.19
N ILE A 109 -18.50 -5.87 -37.18
CA ILE A 109 -19.22 -5.46 -35.94
C ILE A 109 -18.59 -4.22 -35.28
N TYR A 110 -17.27 -4.10 -35.25
CA TYR A 110 -16.61 -2.96 -34.53
C TYR A 110 -16.74 -1.67 -35.35
N ALA A 111 -16.69 -1.72 -36.69
CA ALA A 111 -16.88 -0.52 -37.55
C ALA A 111 -18.32 -0.01 -37.38
N ARG A 112 -19.28 -0.94 -37.32
CA ARG A 112 -20.73 -0.62 -37.14
C ARG A 112 -20.97 0.03 -35.77
N TRP A 113 -20.48 -0.59 -34.67
CA TRP A 113 -20.57 -0.09 -33.28
C TRP A 113 -19.96 1.31 -33.15
N ILE A 114 -18.77 1.51 -33.70
CA ILE A 114 -18.09 2.85 -33.67
C ILE A 114 -19.00 3.91 -34.32
N ARG A 115 -19.47 3.64 -35.54
CA ARG A 115 -20.39 4.53 -36.30
C ARG A 115 -21.65 4.81 -35.49
N ARG A 116 -22.28 3.76 -34.97
CA ARG A 116 -23.56 3.90 -34.20
C ARG A 116 -23.34 4.66 -32.87
N CYS A 117 -22.27 4.33 -32.11
CA CYS A 117 -21.79 5.14 -30.98
C CYS A 117 -21.80 6.63 -31.39
N ARG A 118 -21.17 7.01 -32.50
CA ARG A 118 -21.03 8.47 -32.83
C ARG A 118 -22.41 9.05 -33.08
N GLN A 119 -23.27 8.32 -33.79
CA GLN A 119 -24.65 8.81 -34.09
C GLN A 119 -25.37 9.11 -32.78
N ARG A 120 -25.21 8.25 -31.77
CA ARG A 120 -25.91 8.29 -30.47
C ARG A 120 -25.12 9.06 -29.39
N GLY A 121 -24.06 9.80 -29.76
CA GLY A 121 -23.34 10.70 -28.82
C GLY A 121 -22.51 9.92 -27.82
N ILE A 122 -22.12 8.69 -28.13
CA ILE A 122 -21.20 7.89 -27.28
C ILE A 122 -19.83 7.98 -27.93
N SER A 123 -18.78 8.21 -27.12
CA SER A 123 -17.37 8.16 -27.59
C SER A 123 -16.96 6.70 -27.69
N PRO A 124 -16.63 6.19 -28.90
CA PRO A 124 -16.28 4.78 -29.05
C PRO A 124 -14.78 4.50 -28.90
N TRP A 125 -14.45 3.53 -28.06
CA TRP A 125 -13.04 3.14 -27.85
C TRP A 125 -12.85 1.70 -28.30
N ILE A 126 -11.61 1.37 -28.64
CA ILE A 126 -11.16 -0.04 -28.70
C ILE A 126 -10.32 -0.30 -27.44
N SER A 127 -10.64 -1.40 -26.76
CA SER A 127 -9.90 -1.97 -25.60
C SER A 127 -9.29 -3.32 -26.00
N MET A 128 -7.96 -3.36 -26.09
CA MET A 128 -7.19 -4.57 -26.50
C MET A 128 -6.76 -5.34 -25.24
N ARG A 129 -7.09 -6.63 -25.16
CA ARG A 129 -6.51 -7.50 -24.12
C ARG A 129 -5.05 -7.74 -24.50
N MET A 130 -4.12 -7.28 -23.64
CA MET A 130 -2.67 -7.35 -23.99
C MET A 130 -2.07 -8.73 -23.75
N ASN A 131 -2.68 -9.57 -22.91
CA ASN A 131 -2.08 -10.89 -22.60
C ASN A 131 -3.13 -11.85 -22.02
N ASP A 132 -4.25 -12.07 -22.73
CA ASP A 132 -5.30 -13.00 -22.25
C ASP A 132 -4.73 -14.43 -22.23
N VAL A 133 -5.09 -15.20 -21.20
CA VAL A 133 -4.56 -16.57 -20.99
C VAL A 133 -5.71 -17.49 -20.56
N HIS A 134 -6.96 -17.17 -20.92
CA HIS A 134 -8.06 -18.15 -20.67
C HIS A 134 -7.68 -19.53 -21.21
N TYR A 135 -7.77 -20.55 -20.34
CA TYR A 135 -7.75 -22.00 -20.73
C TYR A 135 -6.38 -22.40 -21.28
N VAL A 136 -5.28 -21.77 -20.82
CA VAL A 136 -3.93 -22.14 -21.35
C VAL A 136 -3.49 -23.49 -20.78
N ASN A 137 -4.24 -24.06 -19.83
CA ASN A 137 -4.05 -25.48 -19.40
C ASN A 137 -4.29 -26.42 -20.57
N ASP A 138 -5.12 -26.00 -21.54
CA ASP A 138 -5.50 -26.74 -22.76
C ASP A 138 -4.73 -26.09 -23.93
N GLU A 139 -3.57 -26.68 -24.29
CA GLU A 139 -2.66 -26.18 -25.36
C GLU A 139 -3.33 -26.27 -26.75
N ARG A 140 -4.34 -27.14 -26.87
CA ARG A 140 -5.10 -27.31 -28.14
C ARG A 140 -6.38 -26.45 -28.15
N CYS A 141 -6.59 -25.62 -27.13
CA CYS A 141 -7.84 -24.80 -27.05
C CYS A 141 -8.06 -23.93 -28.29
N PHE A 142 -9.31 -23.79 -28.70
CA PHE A 142 -9.71 -23.02 -29.92
C PHE A 142 -9.35 -21.53 -29.83
N LEU A 143 -9.30 -20.93 -28.64
CA LEU A 143 -9.07 -19.45 -28.57
C LEU A 143 -7.58 -19.09 -28.44
N HIS A 144 -6.68 -20.09 -28.42
CA HIS A 144 -5.23 -19.77 -28.35
C HIS A 144 -4.76 -19.42 -29.77
N SER A 145 -3.87 -18.45 -29.90
CA SER A 145 -3.34 -18.13 -31.26
C SER A 145 -2.30 -19.18 -31.63
N GLU A 146 -2.09 -19.41 -32.93
CA GLU A 146 -1.06 -20.39 -33.38
C GLU A 146 0.31 -19.89 -32.90
N PHE A 147 0.57 -18.58 -32.99
CA PHE A 147 1.81 -17.97 -32.49
C PHE A 147 2.04 -18.42 -31.04
N TRP A 148 1.04 -18.28 -30.17
CA TRP A 148 1.16 -18.75 -28.76
C TRP A 148 1.51 -20.24 -28.74
N ARG A 149 0.77 -21.04 -29.51
CA ARG A 149 0.96 -22.51 -29.57
C ARG A 149 2.39 -22.88 -30.02
N GLU A 150 2.95 -22.17 -30.99
CA GLU A 150 4.23 -22.58 -31.64
C GLU A 150 5.41 -21.97 -30.88
N ASN A 151 5.19 -21.09 -29.91
CA ASN A 151 6.30 -20.34 -29.24
C ASN A 151 6.27 -20.45 -27.72
N PRO A 152 6.35 -21.68 -27.16
CA PRO A 152 6.33 -21.84 -25.72
C PRO A 152 7.55 -21.16 -25.05
N GLN A 153 8.67 -20.95 -25.76
CA GLN A 153 9.88 -20.19 -25.29
C GLN A 153 9.53 -18.72 -24.96
N LEU A 154 8.42 -18.16 -25.46
CA LEU A 154 8.11 -16.72 -25.25
C LEU A 154 7.22 -16.58 -24.02
N ARG A 155 7.01 -17.65 -23.26
CA ARG A 155 6.15 -17.60 -22.05
C ARG A 155 6.91 -17.00 -20.85
N ARG A 156 6.16 -16.57 -19.83
CA ARG A 156 6.67 -15.93 -18.60
C ARG A 156 7.37 -16.92 -17.66
N VAL A 157 6.76 -18.08 -17.41
CA VAL A 157 7.34 -19.03 -16.40
C VAL A 157 7.56 -20.42 -17.01
N PRO A 158 8.81 -20.81 -17.34
CA PRO A 158 9.08 -22.15 -17.88
C PRO A 158 9.33 -23.20 -16.78
N TYR A 159 9.52 -22.78 -15.53
CA TYR A 159 9.85 -23.77 -14.46
C TYR A 159 8.63 -24.36 -13.74
N ARG A 160 7.41 -23.88 -14.03
CA ARG A 160 6.22 -24.45 -13.36
C ARG A 160 4.94 -24.05 -14.09
N PHE A 161 3.84 -24.72 -13.76
CA PHE A 161 2.50 -24.35 -14.29
C PHE A 161 1.52 -24.47 -13.13
N ALA A 162 1.37 -23.38 -12.37
CA ALA A 162 0.49 -23.34 -11.17
C ALA A 162 -0.73 -22.50 -11.48
N GLU A 163 -0.58 -21.49 -12.35
CA GLU A 163 -1.60 -20.48 -12.70
C GLU A 163 -1.51 -20.28 -14.22
N TRP A 164 -2.64 -19.93 -14.83
CA TRP A 164 -2.75 -19.52 -16.24
C TRP A 164 -1.72 -18.46 -16.62
N THR A 165 -1.49 -17.46 -15.77
CA THR A 165 -0.47 -16.38 -16.00
C THR A 165 0.98 -16.90 -16.15
N ASP A 166 1.28 -18.08 -15.62
CA ASP A 166 2.58 -18.78 -15.86
C ASP A 166 2.79 -18.99 -17.36
N ARG A 167 1.75 -19.20 -18.20
CA ARG A 167 1.88 -19.42 -19.66
C ARG A 167 1.57 -18.15 -20.42
N ALA A 168 1.47 -16.99 -19.75
CA ALA A 168 1.29 -15.67 -20.41
C ALA A 168 2.52 -15.34 -21.23
N PHE A 169 2.39 -14.50 -22.25
CA PHE A 169 3.57 -14.04 -23.03
C PHE A 169 4.49 -13.18 -22.14
N ASP A 170 5.79 -13.28 -22.32
CA ASP A 170 6.83 -12.42 -21.70
C ASP A 170 7.10 -11.20 -22.60
N TYR A 171 6.61 -10.03 -22.22
CA TYR A 171 6.81 -8.76 -22.99
C TYR A 171 8.26 -8.27 -22.85
N GLY A 172 9.08 -8.94 -22.05
CA GLY A 172 10.55 -8.76 -22.08
C GLY A 172 11.15 -9.25 -23.41
N ARG A 173 10.41 -9.98 -24.20
CA ARG A 173 10.90 -10.50 -25.51
C ARG A 173 10.41 -9.55 -26.62
N ALA A 174 11.34 -9.15 -27.48
CA ALA A 174 11.10 -8.34 -28.70
C ALA A 174 9.95 -8.94 -29.53
N GLU A 175 9.94 -10.27 -29.64
CA GLU A 175 9.00 -11.01 -30.54
C GLU A 175 7.57 -10.87 -30.01
N VAL A 176 7.42 -10.82 -28.67
CA VAL A 176 6.11 -10.65 -27.99
C VAL A 176 5.59 -9.23 -28.21
N ARG A 177 6.42 -8.21 -28.01
CA ARG A 177 6.06 -6.80 -28.26
C ARG A 177 5.64 -6.60 -29.73
N GLU A 178 6.43 -7.13 -30.67
CA GLU A 178 6.14 -7.01 -32.11
C GLU A 178 4.74 -7.59 -32.37
N HIS A 179 4.50 -8.80 -31.86
CA HIS A 179 3.27 -9.56 -32.04
C HIS A 179 2.07 -8.68 -31.64
N HIS A 180 2.15 -8.00 -30.50
CA HIS A 180 1.01 -7.20 -29.97
C HIS A 180 0.96 -5.85 -30.71
N LEU A 181 2.11 -5.27 -31.05
CA LEU A 181 2.15 -4.04 -31.89
C LEU A 181 1.56 -4.30 -33.28
N LYS A 182 1.70 -5.51 -33.86
CA LYS A 182 1.09 -5.80 -35.18
C LYS A 182 -0.44 -5.58 -35.11
N LEU A 183 -1.09 -6.10 -34.08
CA LEU A 183 -2.54 -5.91 -33.86
C LEU A 183 -2.91 -4.44 -33.70
N ILE A 184 -2.14 -3.67 -32.93
CA ILE A 184 -2.39 -2.22 -32.67
C ILE A 184 -2.26 -1.46 -34.01
N ARG A 185 -1.25 -1.78 -34.80
CA ARG A 185 -1.06 -1.15 -36.15
C ARG A 185 -2.31 -1.41 -37.01
N GLU A 186 -2.88 -2.62 -36.94
CA GLU A 186 -4.08 -3.03 -37.71
C GLU A 186 -5.31 -2.30 -37.14
N LEU A 187 -5.52 -2.31 -35.83
CA LEU A 187 -6.68 -1.66 -35.19
C LEU A 187 -6.68 -0.17 -35.52
N ALA A 188 -5.54 0.50 -35.43
CA ALA A 188 -5.43 1.94 -35.75
C ALA A 188 -5.81 2.17 -37.21
N ALA A 189 -5.37 1.30 -38.13
CA ALA A 189 -5.64 1.45 -39.57
C ALA A 189 -7.11 1.09 -39.86
N ARG A 190 -7.63 0.02 -39.27
CA ARG A 190 -8.96 -0.54 -39.62
C ARG A 190 -10.11 0.30 -39.02
N TYR A 191 -9.94 0.78 -37.78
CA TYR A 191 -11.01 1.44 -36.99
C TYR A 191 -10.64 2.88 -36.65
N ASP A 192 -11.62 3.77 -36.85
CA ASP A 192 -11.55 5.20 -36.55
C ASP A 192 -12.15 5.42 -35.18
N PHE A 193 -11.47 4.94 -34.14
CA PHE A 193 -11.86 5.09 -32.71
C PHE A 193 -11.45 6.46 -32.17
N ASP A 194 -12.12 6.92 -31.12
CA ASP A 194 -11.71 8.12 -30.34
C ASP A 194 -10.54 7.77 -29.42
N GLY A 195 -10.47 6.51 -28.97
CA GLY A 195 -9.41 6.08 -28.06
C GLY A 195 -9.10 4.61 -28.16
N LEU A 196 -7.83 4.31 -27.91
CA LEU A 196 -7.36 2.94 -27.75
C LEU A 196 -7.03 2.75 -26.27
N GLU A 197 -7.57 1.72 -25.65
CA GLU A 197 -7.16 1.34 -24.28
C GLU A 197 -6.29 0.09 -24.34
N LEU A 198 -5.10 0.15 -23.74
CA LEU A 198 -4.23 -1.03 -23.54
C LEU A 198 -4.69 -1.74 -22.28
N ASP A 199 -5.48 -2.81 -22.39
CA ASP A 199 -5.98 -3.54 -21.21
C ASP A 199 -4.90 -4.50 -20.66
N TRP A 200 -3.94 -3.96 -19.88
CA TRP A 200 -2.82 -4.70 -19.26
C TRP A 200 -3.38 -5.69 -18.25
N MET A 201 -4.61 -5.46 -17.76
CA MET A 201 -5.20 -6.21 -16.62
C MET A 201 -5.89 -7.50 -17.12
N ARG A 202 -5.62 -7.81 -18.39
CA ARG A 202 -5.96 -9.13 -18.95
C ARG A 202 -4.63 -9.73 -19.45
N PHE A 203 -3.82 -10.31 -18.54
CA PHE A 203 -4.18 -10.71 -17.15
C PHE A 203 -3.31 -9.98 -16.12
N GLY A 204 -2.60 -8.92 -16.51
CA GLY A 204 -1.77 -8.10 -15.60
C GLY A 204 -0.37 -8.63 -15.32
N PHE A 205 -0.02 -9.80 -15.85
CA PHE A 205 1.28 -10.50 -15.65
C PHE A 205 1.95 -10.70 -17.03
N HIS A 206 3.02 -9.93 -17.28
CA HIS A 206 3.62 -9.67 -18.59
C HIS A 206 5.14 -9.93 -18.60
N PHE A 207 5.75 -10.29 -17.45
CA PHE A 207 7.23 -10.31 -17.34
C PHE A 207 7.66 -11.58 -16.60
N ARG A 208 8.88 -12.10 -16.89
CA ARG A 208 9.52 -13.13 -16.03
C ARG A 208 9.50 -12.65 -14.57
N PRO A 209 9.13 -13.53 -13.61
CA PRO A 209 9.21 -13.22 -12.17
C PRO A 209 10.60 -12.72 -11.75
N GLY A 210 10.64 -11.49 -11.22
CA GLY A 210 11.91 -10.86 -10.79
C GLY A 210 12.45 -9.85 -11.79
N TYR A 211 11.87 -9.74 -12.99
CA TYR A 211 12.36 -8.78 -14.01
C TYR A 211 11.37 -7.63 -14.23
N GLU A 212 10.54 -7.33 -13.22
CA GLU A 212 9.48 -6.29 -13.39
C GLU A 212 10.06 -4.87 -13.50
N ALA A 213 11.25 -4.62 -12.95
CA ALA A 213 11.83 -3.28 -13.01
C ALA A 213 12.25 -2.99 -14.44
N GLU A 214 13.02 -3.87 -15.06
CA GLU A 214 13.32 -3.70 -16.49
C GLU A 214 11.99 -3.70 -17.26
N GLY A 215 11.07 -4.59 -16.92
CA GLY A 215 9.69 -4.56 -17.48
C GLY A 215 9.10 -3.16 -17.50
N ALA A 216 9.24 -2.38 -16.43
CA ALA A 216 8.66 -1.02 -16.33
C ALA A 216 9.20 -0.10 -17.43
N GLU A 217 10.54 -0.12 -17.66
CA GLU A 217 11.18 0.68 -18.74
C GLU A 217 10.65 0.20 -20.10
N ILE A 218 10.45 -1.11 -20.24
CA ILE A 218 9.99 -1.75 -21.50
C ILE A 218 8.54 -1.32 -21.78
N LEU A 219 7.64 -1.36 -20.81
CA LEU A 219 6.23 -0.97 -21.15
C LEU A 219 6.11 0.54 -21.37
N THR A 220 6.92 1.35 -20.73
CA THR A 220 6.94 2.81 -20.98
C THR A 220 7.36 3.05 -22.43
N ALA A 221 8.40 2.37 -22.90
CA ALA A 221 8.90 2.51 -24.28
C ALA A 221 7.84 2.00 -25.26
N PHE A 222 7.24 0.85 -25.00
CA PHE A 222 6.07 0.31 -25.73
C PHE A 222 4.98 1.38 -25.82
N THR A 223 4.53 1.87 -24.65
CA THR A 223 3.39 2.82 -24.58
C THR A 223 3.75 4.02 -25.45
N ALA A 224 4.98 4.52 -25.32
CA ALA A 224 5.47 5.68 -26.10
C ALA A 224 5.40 5.35 -27.60
N GLU A 225 5.79 4.13 -27.99
CA GLU A 225 5.74 3.73 -29.41
C GLU A 225 4.27 3.83 -29.88
N VAL A 226 3.34 3.28 -29.10
CA VAL A 226 1.88 3.31 -29.43
C VAL A 226 1.43 4.78 -29.53
N ARG A 227 1.83 5.62 -28.58
CA ARG A 227 1.45 7.06 -28.62
C ARG A 227 1.92 7.69 -29.94
N ARG A 228 3.18 7.42 -30.33
CA ARG A 228 3.74 7.97 -31.60
C ARG A 228 2.89 7.48 -32.78
N LEU A 229 2.56 6.19 -32.77
CA LEU A 229 1.74 5.58 -33.84
C LEU A 229 0.41 6.34 -33.94
N LEU A 230 -0.30 6.49 -32.80
CA LEU A 230 -1.62 7.15 -32.83
C LEU A 230 -1.44 8.62 -33.22
N ASP A 231 -0.31 9.28 -32.95
CA ASP A 231 -0.08 10.70 -33.33
C ASP A 231 -0.11 10.83 -34.86
N ASP A 232 0.48 9.86 -35.56
CA ASP A 232 0.46 9.77 -37.04
C ASP A 232 -0.99 9.65 -37.54
N TRP A 233 -1.76 8.73 -36.96
CA TRP A 233 -3.20 8.50 -37.29
C TRP A 233 -4.04 9.74 -37.00
N GLU A 234 -3.68 10.57 -36.02
CA GLU A 234 -4.45 11.81 -35.72
C GLU A 234 -4.50 12.68 -36.98
N LYS A 235 -3.36 12.80 -37.66
CA LYS A 235 -3.20 13.65 -38.86
C LYS A 235 -3.98 13.05 -40.03
N ARG A 236 -4.04 11.70 -40.14
CA ARG A 236 -4.85 11.01 -41.19
C ARG A 236 -6.35 11.13 -40.84
N ARG A 237 -6.77 10.85 -39.60
CA ARG A 237 -8.21 10.84 -39.23
C ARG A 237 -8.77 12.26 -39.06
N GLY A 238 -7.93 13.26 -38.75
CA GLY A 238 -8.34 14.67 -38.62
C GLY A 238 -8.92 14.97 -37.25
N HIS A 239 -8.59 14.18 -36.24
CA HIS A 239 -9.08 14.41 -34.86
C HIS A 239 -8.12 13.76 -33.85
N LYS A 240 -8.21 14.21 -32.60
CA LYS A 240 -7.42 13.68 -31.48
C LYS A 240 -7.80 12.19 -31.30
N ILE A 241 -6.79 11.36 -31.06
CA ILE A 241 -6.98 9.96 -30.63
C ILE A 241 -6.34 9.82 -29.25
N HIS A 242 -7.09 9.29 -28.29
CA HIS A 242 -6.71 9.10 -26.89
C HIS A 242 -6.04 7.74 -26.73
N LEU A 243 -5.11 7.65 -25.79
CA LEU A 243 -4.50 6.38 -25.37
C LEU A 243 -4.74 6.25 -23.88
N GLY A 244 -5.28 5.10 -23.50
CA GLY A 244 -5.60 4.73 -22.12
C GLY A 244 -5.08 3.35 -21.80
N ALA A 245 -5.10 3.00 -20.51
CA ALA A 245 -4.58 1.72 -19.97
C ALA A 245 -5.31 1.34 -18.69
N ARG A 246 -5.50 0.05 -18.54
CA ARG A 246 -5.96 -0.56 -17.26
C ARG A 246 -4.72 -1.07 -16.52
N ILE A 247 -4.66 -0.79 -15.25
CA ILE A 247 -3.50 -1.03 -14.36
C ILE A 247 -4.05 -1.47 -13.00
N PRO A 248 -3.22 -2.08 -12.12
CA PRO A 248 -3.68 -2.46 -10.79
C PRO A 248 -4.11 -1.27 -9.91
N SER A 249 -4.84 -1.62 -8.86
CA SER A 249 -5.64 -0.69 -7.99
C SER A 249 -4.72 0.08 -7.04
N ARG A 250 -3.56 -0.45 -6.70
CA ARG A 250 -2.63 0.25 -5.77
C ARG A 250 -1.35 0.55 -6.56
N PRO A 251 -0.78 1.75 -6.43
CA PRO A 251 0.47 2.13 -7.10
C PRO A 251 1.66 1.20 -6.89
N ALA A 252 1.90 0.70 -5.69
CA ALA A 252 3.03 -0.22 -5.45
C ALA A 252 2.79 -1.50 -6.28
N THR A 253 1.54 -2.01 -6.38
CA THR A 253 1.30 -3.24 -7.14
C THR A 253 1.50 -2.95 -8.63
N ALA A 254 1.00 -1.81 -9.11
CA ALA A 254 1.17 -1.38 -10.50
C ALA A 254 2.67 -1.36 -10.86
N LEU A 255 3.52 -0.71 -10.04
CA LEU A 255 4.96 -0.56 -10.36
C LEU A 255 5.61 -1.94 -10.29
N GLY A 256 5.24 -2.75 -9.29
CA GLY A 256 5.62 -4.15 -9.06
C GLY A 256 5.30 -5.09 -10.18
N LEU A 257 4.26 -4.82 -11.01
CA LEU A 257 3.96 -5.58 -12.25
C LEU A 257 4.49 -4.88 -13.51
N GLY A 258 5.37 -3.91 -13.38
CA GLY A 258 6.09 -3.27 -14.47
C GLY A 258 5.24 -2.21 -15.16
N MET A 259 4.31 -1.56 -14.42
CA MET A 259 3.41 -0.53 -14.98
C MET A 259 3.67 0.75 -14.19
N ASP A 260 4.50 1.63 -14.75
CA ASP A 260 4.89 2.90 -14.14
C ASP A 260 3.99 3.99 -14.73
N ALA A 261 2.75 4.07 -14.26
CA ALA A 261 1.70 4.84 -14.95
C ALA A 261 1.98 6.33 -14.72
N VAL A 262 2.69 6.61 -13.65
CA VAL A 262 3.06 8.02 -13.30
C VAL A 262 3.98 8.57 -14.37
N THR A 263 4.94 7.76 -14.85
CA THR A 263 5.85 8.14 -15.94
C THR A 263 4.99 8.30 -17.20
N TRP A 264 4.14 7.32 -17.48
CA TRP A 264 3.27 7.36 -18.72
C TRP A 264 2.51 8.69 -18.68
N ALA A 265 1.86 9.01 -17.55
CA ALA A 265 1.12 10.28 -17.38
C ALA A 265 2.04 11.50 -17.57
N ARG A 266 3.19 11.54 -16.89
CA ARG A 266 4.01 12.77 -16.89
C ARG A 266 4.56 13.03 -18.29
N ARG A 267 4.92 12.01 -19.05
CA ARG A 267 5.49 12.20 -20.40
C ARG A 267 4.38 12.38 -21.44
N GLY A 268 3.12 12.47 -21.01
CA GLY A 268 1.92 12.59 -21.90
C GLY A 268 1.69 11.42 -22.83
N LEU A 269 1.99 10.20 -22.42
CA LEU A 269 1.84 8.99 -23.29
C LEU A 269 0.39 8.53 -23.19
N VAL A 270 -0.24 8.67 -22.03
CA VAL A 270 -1.64 8.28 -21.81
C VAL A 270 -2.39 9.52 -21.33
N ASP A 271 -3.71 9.51 -21.49
CA ASP A 271 -4.57 10.58 -20.94
C ASP A 271 -5.79 9.93 -20.29
N MET A 272 -5.80 8.62 -20.13
CA MET A 272 -6.79 7.97 -19.25
C MET A 272 -6.16 6.75 -18.58
N LEU A 273 -6.48 6.55 -17.32
CA LEU A 273 -5.92 5.42 -16.55
C LEU A 273 -7.08 4.77 -15.80
N VAL A 274 -7.17 3.46 -15.89
CA VAL A 274 -8.25 2.74 -15.19
C VAL A 274 -7.64 1.87 -14.13
N ILE A 275 -7.90 2.21 -12.88
CA ILE A 275 -7.36 1.43 -11.73
C ILE A 275 -8.45 0.38 -11.46
N THR A 276 -8.05 -0.88 -11.40
CA THR A 276 -9.08 -1.92 -11.27
C THR A 276 -8.48 -3.21 -10.74
N PRO A 277 -9.31 -4.13 -10.21
CA PRO A 277 -8.85 -5.45 -9.80
C PRO A 277 -8.84 -6.39 -11.02
N PHE A 278 -8.43 -7.64 -10.80
CA PHE A 278 -8.36 -8.59 -11.93
C PHE A 278 -9.75 -9.13 -12.30
N TRP A 279 -10.37 -9.93 -11.45
CA TRP A 279 -11.66 -10.57 -11.84
C TRP A 279 -12.34 -11.22 -10.62
N ALA A 280 -11.56 -11.59 -9.60
CA ALA A 280 -12.08 -12.33 -8.44
C ALA A 280 -13.21 -11.56 -7.74
N SER A 281 -13.07 -10.23 -7.67
CA SER A 281 -14.12 -9.36 -7.10
C SER A 281 -13.84 -7.90 -7.51
N ALA A 282 -14.90 -7.07 -7.43
CA ALA A 282 -14.83 -5.59 -7.36
C ALA A 282 -14.10 -5.25 -6.06
N GLU A 283 -13.28 -4.22 -6.11
CA GLU A 283 -12.68 -3.63 -4.89
C GLU A 283 -13.55 -2.41 -4.61
N THR A 284 -14.12 -2.41 -3.42
CA THR A 284 -15.02 -1.33 -2.93
C THR A 284 -14.14 -0.26 -2.28
N ASP A 285 -12.86 -0.58 -2.12
CA ASP A 285 -11.86 0.27 -1.45
C ASP A 285 -10.58 0.35 -2.31
N MET A 286 -10.39 1.48 -2.99
CA MET A 286 -9.18 1.69 -3.83
C MET A 286 -8.60 3.05 -3.49
N PRO A 287 -7.26 3.18 -3.40
CA PRO A 287 -6.66 4.45 -3.04
C PRO A 287 -6.76 5.56 -4.10
N VAL A 288 -7.98 5.92 -4.50
CA VAL A 288 -8.20 6.99 -5.51
C VAL A 288 -7.40 8.26 -5.19
N GLU A 289 -7.47 8.81 -3.96
CA GLU A 289 -6.91 10.14 -3.60
C GLU A 289 -5.36 10.12 -3.78
N ILE A 290 -4.74 8.97 -3.54
CA ILE A 290 -3.28 8.80 -3.71
C ILE A 290 -2.92 8.89 -5.21
N TRP A 291 -3.67 8.18 -6.06
CA TRP A 291 -3.49 8.24 -7.53
C TRP A 291 -3.69 9.69 -7.97
N ARG A 292 -4.72 10.38 -7.46
CA ARG A 292 -5.00 11.76 -7.90
C ARG A 292 -3.76 12.63 -7.58
N GLN A 293 -3.18 12.46 -6.39
CA GLN A 293 -1.95 13.21 -6.04
C GLN A 293 -0.83 12.81 -7.00
N LEU A 294 -0.63 11.52 -7.20
CA LEU A 294 0.42 11.00 -8.11
C LEU A 294 0.22 11.57 -9.55
N LEU A 295 -1.00 11.92 -9.96
CA LEU A 295 -1.31 12.28 -11.37
C LEU A 295 -1.54 13.80 -11.54
N GLU A 296 -1.48 14.53 -10.44
CA GLU A 296 -1.68 16.01 -10.39
C GLU A 296 -0.89 16.70 -11.49
N GLY A 297 -1.58 17.47 -12.35
CA GLY A 297 -0.99 18.35 -13.39
C GLY A 297 -0.77 17.63 -14.71
N THR A 298 -0.94 16.32 -14.77
CA THR A 298 -0.64 15.52 -15.97
C THR A 298 -1.79 15.54 -17.00
N GLY A 299 -3.00 15.96 -16.61
CA GLY A 299 -4.21 16.03 -17.47
C GLY A 299 -4.81 14.67 -17.74
N VAL A 300 -4.42 13.63 -16.99
CA VAL A 300 -4.93 12.26 -17.15
C VAL A 300 -6.26 12.10 -16.41
N THR A 301 -7.27 11.57 -17.06
CA THR A 301 -8.55 11.17 -16.44
C THR A 301 -8.36 9.83 -15.71
N LEU A 302 -8.58 9.84 -14.40
CA LEU A 302 -8.49 8.62 -13.54
C LEU A 302 -9.88 7.97 -13.42
N ALA A 303 -9.98 6.73 -13.88
CA ALA A 303 -11.23 5.96 -13.85
C ALA A 303 -11.04 4.88 -12.81
N ALA A 304 -12.05 4.66 -11.98
CA ALA A 304 -12.12 3.60 -10.96
C ALA A 304 -12.93 2.45 -11.54
N GLY A 305 -12.27 1.32 -11.75
CA GLY A 305 -12.77 0.11 -12.38
C GLY A 305 -13.50 -0.78 -11.40
N LEU A 306 -14.74 -1.16 -11.72
CA LEU A 306 -15.49 -2.19 -10.99
C LEU A 306 -15.42 -3.50 -11.78
N GLU A 307 -15.44 -4.63 -11.08
CA GLU A 307 -15.70 -5.96 -11.65
C GLU A 307 -17.07 -6.43 -11.20
N VAL A 308 -17.64 -7.43 -11.90
CA VAL A 308 -19.05 -7.81 -11.65
C VAL A 308 -19.16 -8.62 -10.35
N LEU A 309 -18.19 -9.50 -10.07
CA LEU A 309 -18.22 -10.33 -8.85
C LEU A 309 -18.07 -9.42 -7.63
N LEU A 310 -18.62 -9.88 -6.51
CA LEU A 310 -18.44 -9.26 -5.18
C LEU A 310 -18.27 -10.38 -4.17
N ARG A 311 -17.04 -10.53 -3.64
CA ARG A 311 -16.71 -11.68 -2.80
C ARG A 311 -15.86 -11.18 -1.64
N PRO A 312 -16.11 -11.71 -0.41
CA PRO A 312 -15.53 -11.16 0.80
C PRO A 312 -14.04 -11.53 0.96
N TYR A 313 -13.60 -12.67 0.42
CA TYR A 313 -12.17 -13.06 0.51
C TYR A 313 -11.80 -14.06 -0.60
N PRO A 314 -10.49 -14.18 -0.89
CA PRO A 314 -9.98 -14.96 -2.00
C PRO A 314 -10.49 -16.39 -2.04
N ASP A 315 -10.57 -17.07 -0.90
CA ASP A 315 -10.90 -18.52 -0.88
C ASP A 315 -12.40 -18.75 -0.69
N SER A 316 -13.23 -17.70 -0.74
CA SER A 316 -14.69 -17.85 -0.51
C SER A 316 -15.28 -18.71 -1.62
N PRO A 317 -16.12 -19.74 -1.32
CA PRO A 317 -16.80 -20.47 -2.38
C PRO A 317 -18.02 -19.74 -3.00
N LEU A 318 -18.40 -18.57 -2.50
CA LEU A 318 -19.52 -17.76 -3.05
C LEU A 318 -19.01 -17.09 -4.32
N PHE A 319 -19.77 -17.18 -5.40
CA PHE A 319 -19.47 -16.45 -6.66
C PHE A 319 -20.75 -15.70 -7.04
N GLN A 320 -21.17 -14.70 -6.27
CA GLN A 320 -22.34 -13.87 -6.64
C GLN A 320 -21.82 -12.54 -7.16
N THR A 321 -22.64 -11.87 -7.96
CA THR A 321 -22.34 -10.55 -8.55
C THR A 321 -22.85 -9.45 -7.64
N ASN A 322 -22.34 -8.25 -7.90
CA ASN A 322 -22.91 -6.96 -7.46
C ASN A 322 -24.41 -6.84 -7.82
N SER A 323 -25.14 -6.08 -6.99
CA SER A 323 -26.52 -5.62 -7.22
C SER A 323 -26.49 -4.11 -7.55
N LEU A 324 -27.60 -3.56 -8.04
CA LEU A 324 -27.77 -2.08 -8.08
C LEU A 324 -27.29 -1.41 -6.74
N GLU A 325 -27.69 -1.95 -5.58
CA GLU A 325 -27.42 -1.33 -4.25
C GLU A 325 -25.90 -1.37 -3.95
N THR A 326 -25.21 -2.48 -4.25
CA THR A 326 -23.76 -2.61 -3.97
C THR A 326 -22.97 -1.76 -4.97
N VAL A 327 -23.41 -1.66 -6.22
CA VAL A 327 -22.76 -0.81 -7.24
C VAL A 327 -22.93 0.67 -6.91
N ARG A 328 -24.11 1.04 -6.42
CA ARG A 328 -24.37 2.40 -5.86
C ARG A 328 -23.36 2.73 -4.75
N GLY A 329 -23.16 1.80 -3.81
CA GLY A 329 -22.16 1.91 -2.72
C GLY A 329 -20.76 2.14 -3.23
N ALA A 330 -20.21 1.22 -4.06
CA ALA A 330 -18.86 1.33 -4.65
C ALA A 330 -18.71 2.66 -5.40
N ALA A 331 -19.73 3.03 -6.18
CA ALA A 331 -19.68 4.24 -7.04
C ALA A 331 -19.73 5.50 -6.21
N ALA A 332 -20.57 5.54 -5.20
CA ALA A 332 -20.67 6.70 -4.30
C ALA A 332 -19.29 6.87 -3.62
N SER A 333 -18.70 5.76 -3.19
CA SER A 333 -17.41 5.75 -2.46
C SER A 333 -16.32 6.30 -3.39
N LEU A 334 -16.16 5.67 -4.57
CA LEU A 334 -15.00 5.98 -5.47
C LEU A 334 -15.17 7.40 -6.00
N LEU A 335 -16.39 7.84 -6.32
CA LEU A 335 -16.58 9.22 -6.83
C LEU A 335 -16.20 10.20 -5.71
N ASP A 336 -16.57 9.85 -4.47
CA ASP A 336 -16.34 10.73 -3.30
C ASP A 336 -14.84 10.91 -3.13
N ARG A 337 -14.05 9.91 -3.52
CA ARG A 337 -12.59 9.90 -3.30
C ARG A 337 -11.89 10.65 -4.42
N GLY A 338 -12.59 10.98 -5.50
CA GLY A 338 -12.06 11.80 -6.60
C GLY A 338 -12.01 11.05 -7.94
N ALA A 339 -12.67 9.90 -8.11
CA ALA A 339 -12.72 9.19 -9.41
C ALA A 339 -13.33 10.14 -10.44
N GLN A 340 -12.75 10.25 -11.62
CA GLN A 340 -13.21 11.16 -12.71
C GLN A 340 -14.06 10.36 -13.69
N ARG A 341 -14.20 9.06 -13.47
CA ARG A 341 -15.04 8.15 -14.27
C ARG A 341 -15.29 6.89 -13.44
N ILE A 342 -16.50 6.32 -13.45
CA ILE A 342 -16.71 4.93 -13.03
C ILE A 342 -16.61 4.05 -14.31
N TYR A 343 -15.77 3.03 -14.26
CA TYR A 343 -15.52 2.12 -15.40
C TYR A 343 -16.11 0.77 -15.01
N LEU A 344 -16.99 0.21 -15.83
CA LEU A 344 -17.60 -1.11 -15.58
C LEU A 344 -16.96 -2.15 -16.49
N PHE A 345 -16.48 -3.25 -15.91
CA PHE A 345 -15.93 -4.41 -16.63
C PHE A 345 -16.81 -5.59 -16.23
N ASN A 346 -17.26 -6.34 -17.25
CA ASN A 346 -18.14 -7.53 -17.09
C ASN A 346 -19.54 -7.14 -16.67
N TYR A 347 -19.98 -5.90 -16.92
CA TYR A 347 -21.39 -5.51 -16.67
C TYR A 347 -22.07 -5.37 -18.04
N MET A 348 -22.26 -6.50 -18.68
CA MET A 348 -22.83 -6.53 -20.04
C MET A 348 -24.35 -6.81 -19.94
N ASP A 349 -25.03 -6.95 -21.09
CA ASP A 349 -26.52 -6.93 -21.16
C ASP A 349 -27.10 -8.33 -20.95
N SER A 350 -26.24 -9.36 -20.83
CA SER A 350 -26.65 -10.78 -20.63
C SER A 350 -25.44 -11.67 -20.34
N GLN A 351 -25.69 -12.82 -19.69
CA GLN A 351 -24.72 -13.91 -19.36
C GLN A 351 -23.68 -13.44 -18.34
N THR A 352 -22.77 -12.54 -18.75
CA THR A 352 -21.75 -11.91 -17.87
C THR A 352 -22.36 -10.56 -17.52
N ALA A 353 -23.00 -10.49 -16.36
CA ALA A 353 -23.92 -9.38 -16.08
C ALA A 353 -24.30 -9.39 -14.61
N MET A 354 -24.77 -8.25 -14.09
CA MET A 354 -25.39 -8.20 -12.75
CA MET A 354 -25.39 -8.20 -12.75
C MET A 354 -26.54 -9.20 -12.77
N GLU A 355 -26.73 -9.99 -11.71
CA GLU A 355 -27.83 -10.98 -11.65
C GLU A 355 -29.21 -10.28 -11.52
N ASP A 356 -29.28 -9.08 -10.91
CA ASP A 356 -30.49 -8.19 -10.90
C ASP A 356 -30.58 -7.36 -12.21
N LEU A 357 -30.68 -8.07 -13.33
CA LEU A 357 -30.50 -7.51 -14.69
C LEU A 357 -31.58 -6.48 -14.99
N GLU A 358 -32.78 -6.63 -14.41
CA GLU A 358 -33.91 -5.67 -14.53
C GLU A 358 -33.46 -4.26 -14.13
N ASN A 359 -32.42 -4.14 -13.30
CA ASN A 359 -31.96 -2.82 -12.79
C ASN A 359 -30.84 -2.22 -13.64
N TYR A 360 -30.42 -2.93 -14.69
CA TYR A 360 -29.32 -2.48 -15.58
C TYR A 360 -29.58 -1.07 -16.10
N PRO A 361 -30.76 -0.76 -16.68
CA PRO A 361 -31.03 0.58 -17.20
C PRO A 361 -30.93 1.66 -16.11
N THR A 362 -31.43 1.35 -14.91
CA THR A 362 -31.36 2.29 -13.77
C THR A 362 -29.89 2.52 -13.39
N LEU A 363 -29.12 1.42 -13.31
CA LEU A 363 -27.65 1.48 -12.99
C LEU A 363 -26.97 2.46 -13.96
N LEU A 364 -27.30 2.42 -15.27
CA LEU A 364 -26.57 3.19 -16.30
C LEU A 364 -26.95 4.67 -16.22
N ARG A 365 -28.04 4.97 -15.52
CA ARG A 365 -28.52 6.36 -15.35
C ARG A 365 -28.24 6.93 -13.97
N GLU A 366 -27.57 6.19 -13.06
CA GLU A 366 -27.36 6.68 -11.66
C GLU A 366 -25.87 6.69 -11.22
N ILE A 367 -25.03 5.72 -11.62
CA ILE A 367 -23.75 5.45 -10.90
C ILE A 367 -22.67 6.40 -11.40
N GLY A 368 -22.95 7.29 -12.35
CA GLY A 368 -21.92 8.19 -12.92
C GLY A 368 -21.85 9.55 -12.24
N SER A 369 -22.64 9.78 -11.20
CA SER A 369 -22.78 11.11 -10.56
C SER A 369 -23.19 10.97 -9.11
N LEU A 370 -22.58 11.71 -8.20
CA LEU A 370 -23.06 11.68 -6.79
C LEU A 370 -24.48 12.26 -6.70
N GLU A 371 -24.82 13.22 -7.57
CA GLU A 371 -26.19 13.81 -7.63
C GLU A 371 -27.26 12.74 -7.84
N THR A 372 -27.03 11.79 -8.77
CA THR A 372 -28.05 10.78 -9.16
C THR A 372 -28.04 9.61 -8.16
N LEU A 373 -27.02 9.46 -7.31
CA LEU A 373 -26.88 8.41 -6.26
C LEU A 373 -27.48 8.89 -4.91
N ALA A 374 -27.55 10.22 -4.74
CA ALA A 374 -27.91 10.89 -3.46
C ALA A 374 -29.35 10.48 -3.05
N GLY A 375 -29.54 10.07 -1.78
CA GLY A 375 -30.85 9.73 -1.21
C GLY A 375 -31.35 8.39 -1.71
N LYS A 376 -30.47 7.57 -2.30
CA LYS A 376 -30.84 6.22 -2.81
C LYS A 376 -30.18 5.15 -1.95
N PRO A 377 -30.88 4.02 -1.68
CA PRO A 377 -30.33 2.93 -0.88
C PRO A 377 -29.03 2.33 -1.48
N ARG A 378 -28.05 2.13 -0.60
CA ARG A 378 -26.67 1.71 -1.00
C ARG A 378 -26.07 0.77 0.04
N ARG A 379 -25.15 -0.10 -0.40
CA ARG A 379 -24.46 -1.06 0.46
C ARG A 379 -22.95 -0.95 0.16
N HIS A 380 -22.17 -0.79 1.25
CA HIS A 380 -20.70 -0.65 1.21
C HIS A 380 -20.15 -1.92 1.80
N VAL A 381 -19.73 -2.84 0.95
CA VAL A 381 -19.31 -4.23 1.33
C VAL A 381 -17.78 -4.30 1.39
N LEU A 382 -17.28 -4.95 2.45
CA LEU A 382 -15.82 -5.18 2.65
C LEU A 382 -15.40 -6.35 1.72
N THR A 383 -14.48 -6.08 0.81
CA THR A 383 -13.83 -7.10 -0.04
C THR A 383 -12.29 -6.99 0.11
N PHE A 384 -11.58 -7.07 -1.00
CA PHE A 384 -10.13 -7.44 -1.04
C PHE A 384 -9.59 -7.21 -2.45
N ALA A 385 -8.29 -6.97 -2.48
CA ALA A 385 -7.55 -6.77 -3.72
C ALA A 385 -7.06 -8.16 -4.17
N ASP A 386 -7.49 -8.60 -5.38
CA ASP A 386 -7.13 -9.93 -5.93
C ASP A 386 -5.70 -9.96 -6.50
N THR A 387 -5.09 -8.81 -6.80
CA THR A 387 -3.85 -8.75 -7.62
C THR A 387 -2.74 -8.08 -6.81
N TRP A 388 -1.60 -8.75 -6.75
CA TRP A 388 -0.37 -8.36 -5.98
C TRP A 388 0.83 -8.75 -6.84
N ALA A 389 1.89 -7.94 -6.86
CA ALA A 389 3.15 -8.22 -7.62
C ALA A 389 3.76 -9.48 -7.02
N PRO A 390 4.54 -10.25 -7.80
CA PRO A 390 5.14 -11.48 -7.31
C PRO A 390 5.98 -11.17 -6.05
N GLY A 391 5.72 -11.96 -5.01
CA GLY A 391 6.34 -11.88 -3.66
C GLY A 391 5.93 -10.68 -2.83
N GLU A 392 4.99 -9.86 -3.31
CA GLU A 392 4.52 -8.65 -2.57
C GLU A 392 3.62 -9.13 -1.45
N PRO A 393 3.87 -8.73 -0.21
CA PRO A 393 3.00 -9.02 0.92
C PRO A 393 1.56 -8.57 0.61
N ARG A 394 0.58 -9.43 0.87
CA ARG A 394 -0.88 -9.20 0.61
C ARG A 394 -1.63 -8.82 1.92
N ALA A 395 -2.38 -7.73 1.86
CA ALA A 395 -3.29 -7.20 2.90
C ALA A 395 -4.72 -7.63 2.57
N ILE A 396 -5.23 -8.72 3.15
CA ILE A 396 -6.60 -9.27 2.95
C ILE A 396 -7.44 -9.13 4.24
N PRO A 397 -8.44 -8.24 4.33
CA PRO A 397 -9.16 -8.04 5.61
C PRO A 397 -9.93 -9.26 6.16
N LEU A 398 -10.57 -10.04 5.28
CA LEU A 398 -11.42 -11.18 5.71
C LEU A 398 -10.84 -12.52 5.31
N PRO A 399 -11.14 -13.63 5.99
CA PRO A 399 -11.91 -13.60 7.23
C PRO A 399 -11.06 -13.17 8.45
N ALA A 400 -11.71 -12.79 9.54
CA ALA A 400 -11.07 -12.13 10.71
C ALA A 400 -11.59 -12.81 11.98
N THR A 401 -10.69 -13.46 12.68
CA THR A 401 -10.95 -14.07 14.01
C THR A 401 -10.83 -12.98 15.09
N CYS A 402 -11.76 -12.98 16.04
CA CYS A 402 -11.68 -12.15 17.27
C CYS A 402 -11.68 -13.14 18.43
N ARG A 403 -10.64 -13.13 19.27
CA ARG A 403 -10.58 -13.97 20.48
C ARG A 403 -11.34 -13.27 21.60
N PRO A 404 -11.79 -14.04 22.62
CA PRO A 404 -12.53 -13.46 23.74
C PRO A 404 -11.79 -12.27 24.35
N GLY A 405 -12.46 -11.12 24.44
CA GLY A 405 -11.90 -9.92 25.07
C GLY A 405 -10.98 -9.14 24.15
N GLU A 406 -10.73 -9.57 22.91
CA GLU A 406 -9.86 -8.89 21.91
C GLU A 406 -10.74 -7.95 21.08
N TRP A 407 -10.10 -6.95 20.45
CA TRP A 407 -10.77 -5.99 19.52
C TRP A 407 -10.33 -6.25 18.07
N ARG A 408 -11.28 -6.21 17.13
CA ARG A 408 -10.97 -6.16 15.69
C ARG A 408 -11.59 -4.89 15.14
N ALA A 409 -10.95 -4.31 14.15
CA ALA A 409 -11.47 -3.11 13.45
C ALA A 409 -11.49 -3.37 11.94
N PHE A 410 -12.48 -2.78 11.30
CA PHE A 410 -12.64 -2.87 9.83
C PHE A 410 -13.01 -1.46 9.37
N ARG A 411 -12.25 -0.90 8.45
CA ARG A 411 -12.59 0.41 7.87
C ARG A 411 -13.22 0.14 6.52
N LEU A 412 -14.40 0.72 6.34
CA LEU A 412 -15.15 0.57 5.08
C LEU A 412 -15.35 1.98 4.56
N HIS A 413 -15.05 2.20 3.29
CA HIS A 413 -15.28 3.52 2.64
C HIS A 413 -16.74 3.67 2.19
N THR A 414 -17.48 4.64 2.75
CA THR A 414 -18.94 4.81 2.54
C THR A 414 -19.16 6.16 1.86
N GLY A 415 -18.10 6.79 1.35
CA GLY A 415 -18.20 7.99 0.49
C GLY A 415 -18.97 9.12 1.19
N PRO A 416 -19.98 9.73 0.55
CA PRO A 416 -20.68 10.90 1.09
C PRO A 416 -21.38 10.54 2.40
N LYS A 417 -21.36 11.51 3.31
CA LYS A 417 -21.99 11.37 4.63
C LYS A 417 -23.46 11.04 4.34
N PRO A 418 -24.11 10.11 5.09
CA PRO A 418 -25.49 9.70 4.79
C PRO A 418 -26.50 10.84 4.97
N GLU A 419 -27.55 10.81 4.14
CA GLU A 419 -28.72 11.71 4.27
C GLU A 419 -29.53 11.24 5.48
N PRO A 420 -30.55 12.00 5.93
CA PRO A 420 -31.47 11.51 6.95
C PRO A 420 -32.00 10.09 6.62
N GLY A 421 -31.95 9.17 7.59
CA GLY A 421 -32.51 7.81 7.49
C GLY A 421 -31.70 6.77 8.26
N GLU A 422 -31.65 5.54 7.76
CA GLU A 422 -31.14 4.37 8.52
C GLU A 422 -29.70 4.04 8.07
N VAL A 423 -28.83 3.70 9.04
CA VAL A 423 -27.48 3.13 8.78
C VAL A 423 -27.36 1.85 9.60
N ILE A 424 -27.10 0.71 8.96
CA ILE A 424 -26.89 -0.60 9.66
C ILE A 424 -25.44 -1.03 9.43
N ALA A 425 -24.65 -1.33 10.46
CA ALA A 425 -23.43 -2.11 10.30
C ALA A 425 -23.85 -3.57 10.37
N ALA A 426 -23.47 -4.40 9.38
CA ALA A 426 -23.88 -5.81 9.32
C ALA A 426 -22.63 -6.67 9.29
N LEU A 427 -22.56 -7.71 10.13
CA LEU A 427 -21.37 -8.57 10.32
C LEU A 427 -21.80 -10.00 10.18
N GLY A 428 -21.16 -10.72 9.28
CA GLY A 428 -21.39 -12.16 9.07
C GLY A 428 -20.39 -12.96 9.86
N ILE A 429 -20.88 -14.00 10.52
CA ILE A 429 -20.09 -14.91 11.40
C ILE A 429 -20.09 -16.29 10.76
N GLU A 430 -18.91 -16.84 10.45
CA GLU A 430 -18.72 -18.21 9.88
C GLU A 430 -18.56 -19.25 10.99
N GLY A 431 -18.81 -20.52 10.70
CA GLY A 431 -18.76 -21.57 11.72
C GLY A 431 -19.67 -21.25 12.88
N ALA A 434 -23.42 -18.95 16.50
CA ALA A 434 -23.91 -19.34 17.84
C ALA A 434 -23.87 -18.16 18.83
N ILE A 435 -24.39 -16.97 18.52
CA ILE A 435 -24.13 -15.77 19.36
C ILE A 435 -25.40 -15.22 20.04
N GLY A 436 -25.20 -14.46 21.11
CA GLY A 436 -26.31 -13.79 21.81
C GLY A 436 -26.29 -12.30 21.51
N PRO A 437 -27.20 -11.48 22.07
CA PRO A 437 -27.22 -10.04 21.84
C PRO A 437 -26.03 -9.28 22.46
N GLU A 438 -25.34 -9.88 23.44
CA GLU A 438 -24.18 -9.23 24.10
C GLU A 438 -22.87 -9.94 23.74
N THR A 439 -22.93 -10.95 22.86
CA THR A 439 -21.71 -11.69 22.47
C THR A 439 -20.76 -10.71 21.79
N LEU A 440 -21.28 -9.78 20.98
CA LEU A 440 -20.47 -8.68 20.39
C LEU A 440 -20.74 -7.34 21.09
N GLU A 441 -19.71 -6.53 21.25
CA GLU A 441 -19.92 -5.07 21.42
C GLU A 441 -19.47 -4.46 20.11
N VAL A 442 -20.31 -3.63 19.51
CA VAL A 442 -20.05 -3.00 18.19
C VAL A 442 -20.07 -1.49 18.36
N ARG A 443 -19.01 -0.87 17.89
CA ARG A 443 -18.93 0.61 17.86
C ARG A 443 -18.65 1.04 16.42
N VAL A 444 -19.15 2.19 16.04
CA VAL A 444 -18.78 2.88 14.78
C VAL A 444 -18.26 4.26 15.12
N ASN A 445 -17.00 4.54 14.72
CA ASN A 445 -16.29 5.79 15.08
C ASN A 445 -16.45 6.02 16.60
N GLY A 446 -16.38 4.94 17.36
CA GLY A 446 -16.38 4.96 18.82
C GLY A 446 -17.78 4.89 19.43
N GLU A 447 -18.85 5.07 18.66
CA GLU A 447 -20.25 5.16 19.21
C GLU A 447 -20.86 3.76 19.29
N LEU A 448 -21.44 3.41 20.41
CA LEU A 448 -22.09 2.11 20.63
C LEU A 448 -23.30 1.98 19.67
N CYS A 449 -23.41 0.81 19.03
CA CYS A 449 -24.45 0.47 18.02
C CYS A 449 -25.38 -0.57 18.63
N ALA A 450 -26.69 -0.43 18.50
CA ALA A 450 -27.67 -1.34 19.10
C ALA A 450 -27.72 -2.62 18.29
N PHE A 451 -27.78 -3.75 18.97
CA PHE A 451 -28.11 -5.06 18.38
C PHE A 451 -29.50 -4.96 17.69
N LEU A 452 -29.60 -5.42 16.46
CA LEU A 452 -30.88 -5.48 15.70
C LEU A 452 -31.31 -6.92 15.52
N GLY A 453 -30.38 -7.86 15.58
CA GLY A 453 -30.64 -9.28 15.28
C GLY A 453 -30.23 -9.65 13.86
N LEU A 454 -30.63 -10.82 13.40
CA LEU A 454 -30.31 -11.35 12.03
C LEU A 454 -30.94 -10.44 10.96
N VAL A 455 -30.17 -10.08 9.96
CA VAL A 455 -30.53 -9.22 8.81
C VAL A 455 -30.68 -10.17 7.61
N ASP A 456 -31.81 -10.06 6.92
CA ASP A 456 -32.10 -10.89 5.74
C ASP A 456 -31.64 -10.10 4.50
N LEU A 457 -30.37 -10.24 4.15
CA LEU A 457 -29.78 -9.48 3.02
C LEU A 457 -30.38 -9.94 1.68
N SER A 458 -30.48 -9.04 0.71
CA SER A 458 -30.68 -9.45 -0.69
C SER A 458 -29.30 -9.79 -1.30
N LYS A 459 -29.30 -10.51 -2.42
CA LYS A 459 -28.05 -10.91 -3.08
C LYS A 459 -27.32 -9.65 -3.54
N PRO A 460 -25.97 -9.57 -3.48
CA PRO A 460 -25.09 -10.63 -2.96
C PRO A 460 -25.04 -10.77 -1.42
N ARG A 461 -25.00 -12.01 -0.93
CA ARG A 461 -25.12 -12.33 0.51
C ARG A 461 -24.38 -13.61 0.81
N PRO A 462 -23.79 -13.70 2.01
CA PRO A 462 -23.06 -14.90 2.42
C PRO A 462 -24.06 -16.03 2.71
N ASP A 463 -23.59 -17.26 2.80
CA ASP A 463 -24.40 -18.44 3.23
C ASP A 463 -24.09 -18.73 4.70
N PHE A 464 -24.02 -17.70 5.53
CA PHE A 464 -23.89 -17.81 7.00
C PHE A 464 -24.58 -16.60 7.59
N PRO A 465 -24.94 -16.66 8.89
CA PRO A 465 -25.72 -15.62 9.52
C PRO A 465 -25.04 -14.25 9.48
N VAL A 466 -25.87 -13.24 9.20
CA VAL A 466 -25.47 -11.82 9.16
C VAL A 466 -26.26 -11.08 10.25
N TYR A 467 -25.54 -10.46 11.19
CA TYR A 467 -26.14 -9.73 12.34
C TYR A 467 -26.06 -8.24 12.06
N GLY A 468 -27.14 -7.51 12.39
CA GLY A 468 -27.25 -6.07 12.17
C GLY A 468 -27.13 -5.29 13.47
N PHE A 469 -26.51 -4.12 13.36
CA PHE A 469 -26.18 -3.23 14.47
C PHE A 469 -26.57 -1.86 13.99
N SER A 470 -27.43 -1.19 14.75
CA SER A 470 -28.03 0.09 14.36
C SER A 470 -27.02 1.17 14.66
N VAL A 471 -26.59 1.94 13.68
CA VAL A 471 -25.53 2.97 13.83
C VAL A 471 -26.17 4.33 14.10
N PRO A 472 -25.85 5.08 15.18
CA PRO A 472 -26.36 6.43 15.40
C PRO A 472 -26.03 7.27 14.17
N LEU A 473 -27.06 7.80 13.49
CA LEU A 473 -26.90 8.37 12.12
C LEU A 473 -25.69 9.31 12.15
N ALA A 474 -25.65 10.17 13.17
CA ALA A 474 -24.66 11.27 13.31
C ALA A 474 -23.23 10.74 13.49
N ALA A 475 -23.02 9.46 13.84
CA ALA A 475 -21.66 8.87 13.99
C ALA A 475 -20.98 8.81 12.61
N MET A 476 -21.75 8.64 11.54
CA MET A 476 -21.13 8.32 10.24
C MET A 476 -20.38 9.58 9.79
N ARG A 477 -19.21 9.36 9.15
CA ARG A 477 -18.45 10.49 8.57
C ARG A 477 -18.32 10.34 7.06
N ARG A 478 -17.96 11.41 6.39
CA ARG A 478 -17.60 11.38 4.98
C ARG A 478 -16.36 10.49 4.81
N GLY A 479 -16.36 9.59 3.83
CA GLY A 479 -15.20 8.72 3.54
C GLY A 479 -15.16 7.44 4.38
N TYR A 480 -14.01 7.11 4.98
CA TYR A 480 -13.89 5.87 5.80
C TYR A 480 -14.72 6.04 7.06
N ASN A 481 -15.28 4.92 7.51
CA ASN A 481 -16.01 4.79 8.76
C ASN A 481 -15.53 3.49 9.36
N LEU A 482 -15.33 3.47 10.67
CA LEU A 482 -14.63 2.39 11.37
C LEU A 482 -15.58 1.57 12.21
N ILE A 483 -15.73 0.31 11.83
CA ILE A 483 -16.40 -0.70 12.69
C ILE A 483 -15.37 -1.20 13.70
N GLU A 484 -15.62 -1.06 15.00
CA GLU A 484 -14.76 -1.78 15.96
C GLU A 484 -15.67 -2.76 16.70
N VAL A 485 -15.20 -3.98 16.89
CA VAL A 485 -15.99 -5.06 17.54
C VAL A 485 -15.09 -5.75 18.59
N THR A 486 -15.62 -6.12 19.75
CA THR A 486 -14.97 -7.04 20.71
C THR A 486 -15.95 -8.19 20.93
N ALA A 487 -15.43 -9.37 21.19
CA ALA A 487 -16.28 -10.56 21.36
C ALA A 487 -16.03 -11.16 22.74
N ARG A 488 -17.09 -11.75 23.32
CA ARG A 488 -16.99 -12.48 24.61
C ARG A 488 -16.74 -13.97 24.32
N GLN A 489 -16.79 -14.36 23.03
CA GLN A 489 -16.59 -15.76 22.56
C GLN A 489 -15.75 -15.73 21.29
N GLU A 490 -14.91 -16.75 21.07
CA GLU A 490 -14.10 -16.81 19.83
C GLU A 490 -15.07 -16.86 18.63
N LEU A 491 -14.84 -15.98 17.65
CA LEU A 491 -15.75 -15.78 16.49
C LEU A 491 -14.89 -15.54 15.26
N ARG A 492 -15.38 -15.97 14.12
CA ARG A 492 -14.70 -15.62 12.84
C ARG A 492 -15.69 -14.85 11.97
N PHE A 493 -15.31 -13.65 11.54
CA PHE A 493 -16.11 -12.81 10.60
C PHE A 493 -15.75 -13.18 9.16
N GLY A 494 -16.79 -13.39 8.32
CA GLY A 494 -16.70 -13.74 6.89
C GLY A 494 -17.27 -12.63 6.02
N TRP A 495 -17.83 -11.58 6.65
CA TRP A 495 -18.60 -10.55 5.92
C TRP A 495 -18.73 -9.30 6.77
N ALA A 496 -18.66 -8.14 6.13
CA ALA A 496 -18.91 -6.85 6.78
C ALA A 496 -19.48 -5.87 5.75
N GLU A 497 -20.51 -5.10 6.14
CA GLU A 497 -20.97 -4.00 5.28
C GLU A 497 -21.71 -2.95 6.07
N PHE A 498 -21.78 -1.77 5.47
CA PHE A 498 -22.73 -0.68 5.82
C PHE A 498 -23.88 -0.69 4.79
N LEU A 499 -25.13 -0.72 5.25
CA LEU A 499 -26.38 -0.45 4.48
C LEU A 499 -26.87 0.95 4.86
N ILE A 500 -26.98 1.81 3.86
CA ILE A 500 -27.44 3.20 4.08
C ILE A 500 -28.77 3.36 3.33
N ARG A 501 -29.85 3.50 4.09
CA ARG A 501 -31.23 3.63 3.54
C ARG A 501 -31.81 4.95 4.00
N PRO A 502 -31.76 6.03 3.18
CA PRO A 502 -32.30 7.33 3.54
C PRO A 502 -33.84 7.35 3.49
N ILE B 6 26.89 11.62 -0.36
CA ILE B 6 26.34 13.00 -0.32
C ILE B 6 24.95 13.00 0.33
N PRO B 7 24.04 11.99 0.24
CA PRO B 7 22.80 12.03 1.03
C PRO B 7 23.04 12.20 2.55
N GLY B 8 23.88 11.37 3.17
CA GLY B 8 24.31 11.52 4.59
C GLY B 8 23.29 11.03 5.61
N ILE B 9 23.58 11.24 6.89
CA ILE B 9 22.80 10.68 8.02
C ILE B 9 22.21 11.82 8.85
N SER B 10 20.97 11.61 9.30
CA SER B 10 20.27 12.32 10.40
C SER B 10 20.25 11.31 11.54
N LEU B 11 20.71 11.72 12.72
CA LEU B 11 20.76 10.80 13.88
C LEU B 11 19.91 11.39 15.00
N ASN B 12 18.99 10.60 15.53
CA ASN B 12 18.07 11.08 16.60
C ASN B 12 18.60 10.68 17.97
N GLU B 13 18.80 11.68 18.84
CA GLU B 13 19.21 11.44 20.24
C GLU B 13 17.92 11.59 21.07
N ASP B 14 17.51 10.55 21.79
CA ASP B 14 16.24 10.58 22.57
C ASP B 14 16.30 11.50 23.81
N ASN B 15 15.14 11.72 24.42
CA ASN B 15 14.93 12.64 25.56
C ASN B 15 15.40 12.06 26.90
N SER B 16 15.87 10.81 26.93
CA SER B 16 16.15 10.13 28.23
C SER B 16 17.55 9.52 28.31
N HIS B 17 18.10 9.07 27.18
CA HIS B 17 19.31 8.22 27.06
C HIS B 17 20.52 8.83 27.77
N TYR B 18 20.84 10.07 27.41
CA TYR B 18 22.07 10.76 27.86
C TYR B 18 22.01 10.83 29.39
N PHE B 19 20.83 11.16 29.92
CA PHE B 19 20.63 11.32 31.39
C PHE B 19 20.74 9.95 32.07
N TYR B 20 20.14 8.92 31.47
CA TYR B 20 20.18 7.54 32.03
C TYR B 20 21.62 7.02 32.11
N THR B 21 22.38 7.14 31.00
CA THR B 21 23.74 6.54 30.88
C THR B 21 24.84 7.31 31.60
N ARG B 22 24.68 8.62 31.81
CA ARG B 22 25.72 9.45 32.48
C ARG B 22 25.39 9.66 33.97
N ALA B 23 24.30 9.06 34.47
CA ALA B 23 23.81 9.22 35.84
C ALA B 23 24.95 8.91 36.81
N GLY B 24 25.09 9.66 37.89
CA GLY B 24 26.07 9.34 38.96
C GLY B 24 27.35 10.14 38.82
N ARG B 25 27.52 10.80 37.68
CA ARG B 25 28.67 11.68 37.38
C ARG B 25 28.15 13.09 37.57
N ARG B 26 28.95 13.99 38.11
CA ARG B 26 28.61 15.42 38.17
C ARG B 26 29.14 16.03 36.87
N LEU B 27 28.31 16.22 35.86
CA LEU B 27 28.77 16.56 34.48
C LEU B 27 29.16 18.03 34.38
N SER B 28 30.33 18.27 33.76
CA SER B 28 30.84 19.61 33.41
C SER B 28 30.30 20.01 32.04
N ALA B 29 30.35 21.30 31.76
CA ALA B 29 29.99 21.89 30.45
C ALA B 29 30.83 21.20 29.36
N GLU B 30 32.07 20.88 29.69
CA GLU B 30 33.05 20.32 28.73
CA GLU B 30 33.06 20.31 28.75
C GLU B 30 32.61 18.91 28.36
N GLU B 31 32.22 18.10 29.36
CA GLU B 31 31.80 16.70 29.12
C GLU B 31 30.51 16.71 28.29
N VAL B 32 29.56 17.55 28.67
CA VAL B 32 28.27 17.70 27.94
C VAL B 32 28.61 17.97 26.48
N ASP B 33 29.52 18.92 26.19
CA ASP B 33 29.91 19.28 24.81
C ASP B 33 30.51 18.05 24.12
N SER B 34 31.30 17.26 24.84
CA SER B 34 32.08 16.14 24.23
C SER B 34 31.10 15.11 23.64
N TRP B 35 29.81 15.12 24.02
CA TRP B 35 28.89 14.13 23.45
C TRP B 35 28.74 14.34 21.93
N VAL B 36 28.72 15.59 21.48
CA VAL B 36 28.54 15.95 20.04
C VAL B 36 29.75 15.42 19.27
N ASP B 37 30.92 15.47 19.90
CA ASP B 37 32.21 15.32 19.22
C ASP B 37 32.32 13.95 18.55
N GLN B 38 31.81 12.88 19.14
CA GLN B 38 31.88 11.51 18.57
C GLN B 38 31.22 11.44 17.17
N TYR B 39 30.28 12.34 16.89
CA TYR B 39 29.56 12.41 15.60
C TYR B 39 30.28 13.33 14.62
N ALA B 40 31.31 14.09 15.04
CA ALA B 40 32.08 14.96 14.14
C ALA B 40 32.96 14.11 13.21
N GLY B 41 33.20 14.61 12.00
CA GLY B 41 33.95 13.90 10.94
C GLY B 41 33.28 12.61 10.49
N THR B 42 31.97 12.49 10.61
CA THR B 42 31.25 11.33 10.08
C THR B 42 30.36 11.79 8.92
N GLN B 43 29.46 10.92 8.49
CA GLN B 43 28.48 11.26 7.42
C GLN B 43 27.24 11.85 8.10
N VAL B 44 27.21 12.00 9.42
CA VAL B 44 26.08 12.66 10.13
C VAL B 44 26.06 14.14 9.69
N LYS B 45 24.99 14.57 9.01
CA LYS B 45 24.74 16.00 8.66
C LYS B 45 23.88 16.72 9.73
N GLU B 46 22.93 16.05 10.38
CA GLU B 46 22.04 16.66 11.39
C GLU B 46 21.94 15.79 12.64
N LEU B 47 22.02 16.40 13.82
CA LEU B 47 21.63 15.68 15.06
C LEU B 47 20.23 16.18 15.44
N MET B 48 19.29 15.25 15.59
CA MET B 48 17.91 15.56 16.01
C MET B 48 17.89 15.32 17.52
N LEU B 49 17.95 16.41 18.28
CA LEU B 49 18.01 16.41 19.75
C LEU B 49 16.60 16.43 20.31
N CYS B 50 16.17 15.34 20.91
CA CYS B 50 14.80 15.24 21.48
C CYS B 50 14.80 15.68 22.95
N PRO B 51 14.14 16.79 23.31
CA PRO B 51 14.13 17.28 24.69
C PRO B 51 12.86 16.95 25.49
N ASN B 52 12.03 16.01 25.01
CA ASN B 52 10.78 15.79 25.77
C ASN B 52 10.05 14.50 25.42
N CYS B 53 9.22 14.08 26.37
CA CYS B 53 8.19 13.02 26.24
C CYS B 53 6.95 13.76 26.74
N MET B 54 6.20 13.25 27.72
CA MET B 54 5.08 14.09 28.23
C MET B 54 5.68 15.23 29.05
N ARG B 55 6.92 15.03 29.52
CA ARG B 55 7.69 16.00 30.34
C ARG B 55 8.97 16.40 29.62
N THR B 56 9.57 17.53 30.00
CA THR B 56 10.83 17.99 29.40
C THR B 56 12.04 17.55 30.26
N SER B 57 13.17 17.33 29.60
CA SER B 57 14.43 16.98 30.26
C SER B 57 15.19 18.28 30.53
N TYR B 58 14.74 19.43 30.00
CA TYR B 58 15.29 20.77 30.36
C TYR B 58 14.29 21.46 31.28
N ALA B 59 14.68 22.61 31.83
CA ALA B 59 13.85 23.31 32.84
C ALA B 59 12.80 24.18 32.15
N SER B 60 11.74 23.57 31.60
CA SER B 60 10.66 24.29 30.89
C SER B 60 9.90 25.21 31.87
N GLN B 61 9.39 26.35 31.38
CA GLN B 61 8.49 27.29 32.10
C GLN B 61 7.03 26.96 31.75
N VAL B 62 6.77 26.24 30.66
CA VAL B 62 5.36 26.08 30.19
C VAL B 62 4.92 24.60 30.38
N TRP B 63 5.86 23.65 30.44
CA TRP B 63 5.59 22.21 30.66
C TRP B 63 6.24 21.72 31.95
N ASP B 64 5.93 20.50 32.39
CA ASP B 64 6.61 19.85 33.53
C ASP B 64 7.99 19.37 33.12
N PRO B 65 9.09 19.81 33.80
CA PRO B 65 10.35 19.08 33.69
C PRO B 65 10.14 17.69 34.32
N ILE B 66 11.01 16.79 33.89
CA ILE B 66 11.02 15.39 34.32
C ILE B 66 11.05 15.35 35.87
N TRP B 67 11.70 16.34 36.46
CA TRP B 67 11.95 16.38 37.94
C TRP B 67 10.83 17.11 38.70
N ARG B 68 9.70 17.41 38.10
CA ARG B 68 8.60 18.03 38.89
C ARG B 68 8.14 16.98 39.93
N GLY B 69 8.04 17.35 41.22
CA GLY B 69 7.70 16.42 42.32
C GLY B 69 8.93 15.79 42.97
N TYR B 70 10.11 16.07 42.45
CA TYR B 70 11.34 15.30 42.81
C TYR B 70 11.91 15.82 44.14
N ASP B 71 12.33 14.91 45.03
CA ASP B 71 13.04 15.26 46.28
C ASP B 71 14.53 14.85 46.17
N PRO B 72 15.41 15.80 45.76
CA PRO B 72 16.80 15.50 45.37
C PRO B 72 17.62 14.79 46.45
N ALA B 73 17.36 15.13 47.70
CA ALA B 73 18.07 14.60 48.89
C ALA B 73 17.35 13.36 49.40
N GLY B 74 16.16 13.04 48.86
CA GLY B 74 15.26 12.07 49.50
C GLY B 74 15.68 10.64 49.21
N PRO B 75 15.00 9.67 49.85
CA PRO B 75 15.13 8.25 49.47
C PRO B 75 14.49 7.93 48.11
N ASP B 76 14.90 6.82 47.49
CA ASP B 76 14.34 6.32 46.21
C ASP B 76 12.82 6.16 46.33
N ASP B 77 12.37 5.54 47.40
CA ASP B 77 10.93 5.40 47.74
C ASP B 77 10.39 6.78 48.19
N GLN B 78 10.15 7.67 47.24
CA GLN B 78 9.53 8.99 47.42
C GLN B 78 8.34 9.09 46.45
N PRO B 79 7.34 9.97 46.72
CA PRO B 79 6.12 10.02 45.93
C PRO B 79 6.34 9.96 44.41
N LEU B 80 7.28 10.72 43.84
CA LEU B 80 7.46 10.78 42.36
C LEU B 80 7.75 9.40 41.75
N LEU B 81 8.43 8.52 42.49
CA LEU B 81 8.91 7.18 42.03
C LEU B 81 8.16 6.04 42.73
N ALA B 82 7.20 6.34 43.58
CA ALA B 82 6.54 5.32 44.45
C ALA B 82 5.88 4.24 43.57
N SER B 83 5.36 4.61 42.41
CA SER B 83 4.58 3.67 41.58
C SER B 83 5.50 2.61 40.93
N LEU B 84 6.83 2.81 40.87
CA LEU B 84 7.72 1.79 40.25
C LEU B 84 8.17 0.76 41.27
N PRO B 85 8.49 -0.48 40.86
CA PRO B 85 9.24 -1.42 41.70
C PRO B 85 10.58 -0.84 42.17
N PRO B 86 11.14 -1.26 43.34
CA PRO B 86 12.40 -0.70 43.83
C PRO B 86 13.52 -0.62 42.79
N GLU B 87 13.68 -1.69 41.99
CA GLU B 87 14.82 -1.80 41.02
C GLU B 87 14.68 -0.73 39.93
N GLU B 88 13.45 -0.43 39.49
CA GLU B 88 13.25 0.49 38.34
C GLU B 88 13.35 1.94 38.82
N ARG B 89 13.13 2.23 40.12
CA ARG B 89 13.31 3.59 40.67
C ARG B 89 14.75 4.05 40.47
N VAL B 90 15.71 3.11 40.56
CA VAL B 90 17.17 3.45 40.41
C VAL B 90 17.37 4.00 38.99
N ALA B 91 16.84 3.34 37.97
CA ALA B 91 17.03 3.80 36.57
C ALA B 91 16.30 5.12 36.37
N ALA B 92 14.99 5.21 36.67
CA ALA B 92 14.21 6.45 36.50
C ALA B 92 14.92 7.61 37.22
N ARG B 93 15.33 7.38 38.45
CA ARG B 93 15.97 8.47 39.23
C ARG B 93 17.31 8.85 38.55
N GLY B 94 18.01 7.92 37.90
CA GLY B 94 19.22 8.34 37.15
C GLY B 94 18.87 9.43 36.15
N TRP B 95 17.77 9.26 35.42
CA TRP B 95 17.33 10.26 34.42
C TRP B 95 16.90 11.55 35.15
N ILE B 96 15.97 11.43 36.08
CA ILE B 96 15.44 12.63 36.79
C ILE B 96 16.59 13.45 37.41
N HIS B 97 17.51 12.79 38.09
CA HIS B 97 18.56 13.48 38.89
C HIS B 97 19.57 14.13 37.95
N THR B 98 20.00 13.45 36.91
CA THR B 98 21.05 14.00 36.03
C THR B 98 20.50 15.25 35.33
N ALA B 99 19.24 15.18 34.87
CA ALA B 99 18.54 16.30 34.22
C ALA B 99 18.40 17.45 35.21
N TRP B 100 18.02 17.12 36.44
CA TRP B 100 17.87 18.13 37.52
C TRP B 100 19.23 18.77 37.84
N GLN B 101 20.25 17.96 38.14
CA GLN B 101 21.61 18.45 38.50
C GLN B 101 22.15 19.40 37.41
N LEU B 102 21.97 19.03 36.15
CA LEU B 102 22.44 19.89 35.03
C LEU B 102 21.85 21.29 35.19
N HIS B 103 20.51 21.37 35.30
CA HIS B 103 19.83 22.68 35.48
C HIS B 103 20.44 23.43 36.68
N GLN B 104 20.61 22.72 37.80
CA GLN B 104 21.18 23.32 39.05
C GLN B 104 22.55 23.97 38.79
N ASP B 105 23.37 23.40 37.89
CA ASP B 105 24.70 23.94 37.57
C ASP B 105 24.58 25.04 36.49
N GLY B 106 23.36 25.41 36.08
CA GLY B 106 23.21 26.46 35.06
C GLY B 106 23.63 25.95 33.68
N ILE B 107 23.53 24.64 33.43
CA ILE B 107 23.89 24.00 32.12
C ILE B 107 22.57 23.66 31.41
N ASP B 108 22.27 24.37 30.34
CA ASP B 108 21.14 23.99 29.46
C ASP B 108 21.70 23.01 28.43
N ILE B 109 21.51 21.72 28.63
CA ILE B 109 22.10 20.66 27.74
C ILE B 109 21.79 20.91 26.26
N TYR B 110 20.57 21.33 25.91
CA TYR B 110 20.21 21.52 24.48
C TYR B 110 20.92 22.76 23.90
N ALA B 111 21.00 23.83 24.68
CA ALA B 111 21.70 25.05 24.20
C ALA B 111 23.17 24.72 23.91
N ARG B 112 23.78 23.90 24.76
CA ARG B 112 25.22 23.52 24.65
C ARG B 112 25.46 22.62 23.44
N TRP B 113 24.60 21.61 23.24
CA TRP B 113 24.64 20.67 22.09
C TRP B 113 24.48 21.43 20.77
N ILE B 114 23.52 22.32 20.71
CA ILE B 114 23.26 23.20 19.53
C ILE B 114 24.54 23.97 19.18
N ARG B 115 25.11 24.69 20.15
CA ARG B 115 26.35 25.47 19.97
C ARG B 115 27.49 24.55 19.50
N ARG B 116 27.70 23.42 20.20
CA ARG B 116 28.79 22.48 19.85
C ARG B 116 28.59 21.86 18.46
N CYS B 117 27.37 21.39 18.13
CA CYS B 117 27.00 21.05 16.74
C CYS B 117 27.57 22.06 15.73
N ARG B 118 27.35 23.36 15.86
CA ARG B 118 27.78 24.32 14.81
C ARG B 118 29.31 24.34 14.72
N GLN B 119 29.99 24.34 15.87
CA GLN B 119 31.47 24.29 15.89
C GLN B 119 31.97 23.05 15.13
N ARG B 120 31.26 21.92 15.18
CA ARG B 120 31.64 20.62 14.57
C ARG B 120 31.02 20.43 13.16
N GLY B 121 30.44 21.49 12.58
CA GLY B 121 29.90 21.45 11.21
C GLY B 121 28.63 20.63 11.15
N ILE B 122 27.99 20.35 12.27
CA ILE B 122 26.76 19.52 12.32
C ILE B 122 25.60 20.50 12.42
N SER B 123 24.56 20.30 11.62
CA SER B 123 23.30 21.09 11.68
C SER B 123 22.48 20.58 12.86
N PRO B 124 22.23 21.41 13.90
CA PRO B 124 21.49 20.95 15.06
C PRO B 124 19.98 21.13 14.94
N TRP B 125 19.24 20.07 15.20
CA TRP B 125 17.76 20.14 15.15
C TRP B 125 17.21 19.87 16.54
N ILE B 126 16.03 20.38 16.82
CA ILE B 126 15.17 19.87 17.90
C ILE B 126 14.08 18.98 17.29
N SER B 127 13.88 17.82 17.89
CA SER B 127 12.82 16.84 17.55
C SER B 127 11.92 16.64 18.77
N MET B 128 10.68 17.07 18.63
CA MET B 128 9.64 16.99 19.69
C MET B 128 8.79 15.74 19.53
N ARG B 129 8.68 14.94 20.59
CA ARG B 129 7.73 13.81 20.63
C ARG B 129 6.32 14.41 20.77
N MET B 130 5.48 14.24 19.75
CA MET B 130 4.14 14.91 19.75
C MET B 130 3.11 14.21 20.64
N ASN B 131 3.30 12.94 20.98
CA ASN B 131 2.27 12.21 21.79
C ASN B 131 2.88 10.96 22.42
N ASP B 132 4.00 11.08 23.14
CA ASP B 132 4.61 9.90 23.81
C ASP B 132 3.64 9.36 24.87
N VAL B 133 3.60 8.04 25.01
CA VAL B 133 2.63 7.33 25.89
C VAL B 133 3.34 6.15 26.55
N HIS B 134 4.66 6.26 26.76
CA HIS B 134 5.36 5.25 27.60
C HIS B 134 4.64 5.11 28.95
N TYR B 135 4.34 3.85 29.30
CA TYR B 135 3.93 3.40 30.67
C TYR B 135 2.58 4.04 31.08
N VAL B 136 1.68 4.34 30.13
CA VAL B 136 0.39 5.00 30.51
C VAL B 136 -0.53 3.97 31.20
N ASN B 137 -0.15 2.70 31.27
CA ASN B 137 -0.85 1.69 32.12
C ASN B 137 -0.71 2.08 33.60
N ASP B 138 0.35 2.82 33.94
CA ASP B 138 0.68 3.35 35.28
C ASP B 138 0.35 4.85 35.29
N GLU B 139 -0.85 5.21 35.80
CA GLU B 139 -1.40 6.60 35.86
C GLU B 139 -0.55 7.48 36.80
N ARG B 140 0.12 6.87 37.76
CA ARG B 140 1.02 7.54 38.73
C ARG B 140 2.48 7.64 38.24
N CYS B 141 2.80 7.18 37.03
CA CYS B 141 4.21 7.08 36.60
C CYS B 141 4.88 8.48 36.57
N PHE B 142 6.16 8.56 36.93
CA PHE B 142 6.95 9.81 37.04
C PHE B 142 6.92 10.61 35.74
N LEU B 143 6.91 9.97 34.55
CA LEU B 143 7.20 10.74 33.29
C LEU B 143 5.93 11.19 32.56
N HIS B 144 4.73 10.98 33.11
CA HIS B 144 3.46 11.61 32.66
C HIS B 144 3.40 13.08 33.14
N SER B 145 2.84 13.98 32.32
CA SER B 145 2.53 15.39 32.66
C SER B 145 1.29 15.39 33.57
N GLU B 146 1.29 16.32 34.51
CA GLU B 146 0.12 16.53 35.40
C GLU B 146 -1.10 16.83 34.48
N PHE B 147 -0.88 17.52 33.36
CA PHE B 147 -1.92 17.87 32.39
C PHE B 147 -2.57 16.59 31.85
N TRP B 148 -1.78 15.60 31.45
CA TRP B 148 -2.25 14.26 31.04
C TRP B 148 -3.02 13.59 32.18
N ARG B 149 -2.43 13.59 33.39
CA ARG B 149 -3.06 12.96 34.59
C ARG B 149 -4.43 13.58 34.88
N GLU B 150 -4.59 14.90 34.78
CA GLU B 150 -5.81 15.62 35.26
C GLU B 150 -6.86 15.66 34.16
N ASN B 151 -6.54 15.24 32.94
CA ASN B 151 -7.46 15.42 31.77
C ASN B 151 -7.68 14.12 30.99
N PRO B 152 -8.23 13.07 31.64
CA PRO B 152 -8.49 11.82 30.94
C PRO B 152 -9.55 11.98 29.82
N GLN B 153 -10.34 13.06 29.87
CA GLN B 153 -11.37 13.33 28.83
C GLN B 153 -10.70 13.76 27.51
N LEU B 154 -9.40 14.11 27.56
CA LEU B 154 -8.70 14.56 26.32
C LEU B 154 -8.04 13.37 25.62
N ARG B 155 -8.28 12.15 26.09
CA ARG B 155 -7.66 10.93 25.48
C ARG B 155 -8.38 10.50 24.19
N ARG B 156 -7.70 9.67 23.39
CA ARG B 156 -8.16 9.16 22.07
C ARG B 156 -9.25 8.08 22.21
N VAL B 157 -9.07 7.12 23.11
CA VAL B 157 -10.02 5.97 23.21
C VAL B 157 -10.50 5.79 24.65
N PRO B 158 -11.72 6.27 25.03
CA PRO B 158 -12.20 6.10 26.39
C PRO B 158 -13.05 4.85 26.62
N TYR B 159 -13.30 4.06 25.56
CA TYR B 159 -14.19 2.87 25.71
C TYR B 159 -13.38 1.59 25.96
N ARG B 160 -12.06 1.67 25.98
CA ARG B 160 -11.20 0.48 26.25
C ARG B 160 -9.75 0.91 26.48
N PHE B 161 -8.97 -0.03 27.01
CA PHE B 161 -7.51 0.18 27.20
C PHE B 161 -6.82 -1.14 26.85
N ALA B 162 -6.48 -1.29 25.56
CA ALA B 162 -5.82 -2.51 25.04
C ALA B 162 -4.34 -2.22 24.74
N GLU B 163 -4.04 -0.98 24.40
CA GLU B 163 -2.71 -0.48 23.93
C GLU B 163 -2.49 0.87 24.60
N TRP B 164 -1.23 1.21 24.82
CA TRP B 164 -0.77 2.52 25.30
C TRP B 164 -1.38 3.67 24.50
N THR B 165 -1.42 3.57 23.19
CA THR B 165 -2.03 4.59 22.28
C THR B 165 -3.53 4.86 22.53
N ASP B 166 -4.25 3.92 23.12
CA ASP B 166 -5.63 4.18 23.60
C ASP B 166 -5.65 5.38 24.59
N ARG B 167 -4.58 5.65 25.37
CA ARG B 167 -4.55 6.74 26.34
C ARG B 167 -3.73 7.90 25.80
N ALA B 168 -3.37 7.93 24.51
CA ALA B 168 -2.72 9.08 23.86
C ALA B 168 -3.66 10.29 23.85
N PHE B 169 -3.11 11.49 23.74
CA PHE B 169 -3.91 12.72 23.60
C PHE B 169 -4.67 12.71 22.27
N ASP B 170 -5.90 13.23 22.28
CA ASP B 170 -6.68 13.48 21.04
C ASP B 170 -6.36 14.87 20.48
N TYR B 171 -5.64 14.96 19.37
CA TYR B 171 -5.31 16.25 18.70
C TYR B 171 -6.51 16.88 17.97
N GLY B 172 -7.63 16.14 17.93
CA GLY B 172 -8.94 16.70 17.58
C GLY B 172 -9.40 17.76 18.58
N ARG B 173 -8.85 17.77 19.77
CA ARG B 173 -9.28 18.74 20.82
C ARG B 173 -8.37 19.97 20.74
N ALA B 174 -9.00 21.17 20.75
CA ALA B 174 -8.37 22.52 20.81
C ALA B 174 -7.31 22.56 21.92
N GLU B 175 -7.69 22.01 23.09
CA GLU B 175 -6.84 22.13 24.31
CA GLU B 175 -6.93 22.00 24.37
C GLU B 175 -5.61 21.22 24.19
N VAL B 176 -5.69 20.11 23.45
CA VAL B 176 -4.50 19.24 23.20
C VAL B 176 -3.52 19.96 22.27
N ARG B 177 -4.02 20.54 21.18
CA ARG B 177 -3.15 21.29 20.24
C ARG B 177 -2.47 22.46 20.97
N GLU B 178 -3.25 23.25 21.72
CA GLU B 178 -2.69 24.40 22.47
C GLU B 178 -1.57 23.91 23.40
N HIS B 179 -1.82 22.82 24.13
CA HIS B 179 -0.87 22.22 25.08
C HIS B 179 0.46 21.93 24.35
N HIS B 180 0.41 21.38 23.13
CA HIS B 180 1.64 21.03 22.38
C HIS B 180 2.22 22.30 21.71
N LEU B 181 1.36 23.22 21.24
CA LEU B 181 1.86 24.50 20.67
C LEU B 181 2.57 25.35 21.77
N LYS B 182 2.16 25.24 23.05
CA LYS B 182 2.85 25.98 24.14
C LYS B 182 4.34 25.56 24.16
N LEU B 183 4.61 24.25 24.15
CA LEU B 183 6.01 23.72 24.16
C LEU B 183 6.80 24.20 22.93
N ILE B 184 6.21 24.16 21.75
CA ILE B 184 6.85 24.64 20.49
C ILE B 184 7.22 26.14 20.61
N ARG B 185 6.29 26.97 21.06
CA ARG B 185 6.53 28.43 21.24
C ARG B 185 7.75 28.64 22.16
N GLU B 186 7.88 27.84 23.22
CA GLU B 186 9.03 27.89 24.15
C GLU B 186 10.30 27.37 23.46
N LEU B 187 10.25 26.21 22.80
CA LEU B 187 11.44 25.67 22.08
C LEU B 187 11.97 26.67 21.05
N ALA B 188 11.10 27.28 20.26
CA ALA B 188 11.54 28.27 19.26
C ALA B 188 12.21 29.48 19.96
N ALA B 189 11.67 29.94 21.10
CA ALA B 189 12.20 31.10 21.84
C ALA B 189 13.50 30.74 22.56
N ARG B 190 13.55 29.56 23.17
CA ARG B 190 14.67 29.14 24.03
C ARG B 190 15.92 28.72 23.19
N TYR B 191 15.70 28.02 22.08
CA TYR B 191 16.77 27.33 21.31
C TYR B 191 16.91 27.86 19.88
N ASP B 192 18.16 28.14 19.49
CA ASP B 192 18.51 28.66 18.14
C ASP B 192 18.92 27.48 17.25
N PHE B 193 17.96 26.60 16.95
CA PHE B 193 18.14 25.38 16.11
C PHE B 193 18.07 25.77 14.63
N ASP B 194 18.66 24.93 13.77
CA ASP B 194 18.53 25.05 12.28
C ASP B 194 17.15 24.52 11.86
N GLY B 195 16.59 23.58 12.61
CA GLY B 195 15.35 22.90 12.25
C GLY B 195 14.63 22.35 13.44
N LEU B 196 13.31 22.34 13.31
CA LEU B 196 12.41 21.71 14.28
C LEU B 196 11.80 20.51 13.57
N GLU B 197 11.89 19.33 14.17
CA GLU B 197 11.12 18.19 13.60
C GLU B 197 9.93 17.88 14.51
N LEU B 198 8.75 17.76 13.95
CA LEU B 198 7.53 17.27 14.65
C LEU B 198 7.53 15.76 14.59
N ASP B 199 7.89 15.09 15.66
CA ASP B 199 7.96 13.60 15.69
C ASP B 199 6.59 12.98 15.96
N TRP B 200 5.75 12.88 14.90
CA TRP B 200 4.35 12.37 14.99
C TRP B 200 4.40 10.87 15.29
N MET B 201 5.55 10.21 15.07
CA MET B 201 5.68 8.74 15.16
C MET B 201 6.00 8.30 16.60
N ARG B 202 5.87 9.26 17.51
CA ARG B 202 5.88 8.98 18.97
C ARG B 202 4.54 9.51 19.51
N PHE B 203 3.45 8.73 19.39
CA PHE B 203 3.45 7.29 18.99
C PHE B 203 2.68 7.09 17.67
N GLY B 204 2.42 8.16 16.91
CA GLY B 204 1.75 8.06 15.59
C GLY B 204 0.23 7.95 15.63
N PHE B 205 -0.38 7.91 16.82
CA PHE B 205 -1.84 7.79 17.02
C PHE B 205 -2.33 9.02 17.79
N HIS B 206 -3.03 9.91 17.12
CA HIS B 206 -3.32 11.29 17.57
C HIS B 206 -4.84 11.60 17.52
N PHE B 207 -5.71 10.69 17.08
CA PHE B 207 -7.12 11.02 16.77
C PHE B 207 -8.04 9.92 17.30
N ARG B 208 -9.29 10.25 17.67
CA ARG B 208 -10.34 9.23 17.93
C ARG B 208 -10.42 8.28 16.74
N PRO B 209 -10.51 6.94 16.97
CA PRO B 209 -10.70 5.96 15.90
C PRO B 209 -11.92 6.33 15.03
N GLY B 210 -11.70 6.52 13.74
CA GLY B 210 -12.74 6.91 12.76
C GLY B 210 -12.67 8.38 12.37
N TYR B 211 -11.92 9.22 13.11
CA TYR B 211 -11.89 10.71 12.92
C TYR B 211 -10.61 11.17 12.20
N GLU B 212 -9.93 10.27 11.50
CA GLU B 212 -8.60 10.55 10.95
C GLU B 212 -8.70 11.53 9.79
N ALA B 213 -9.81 11.55 9.07
CA ALA B 213 -9.94 12.42 7.89
C ALA B 213 -10.02 13.86 8.36
N GLU B 214 -10.88 14.14 9.33
CA GLU B 214 -10.90 15.49 9.92
C GLU B 214 -9.53 15.76 10.55
N GLY B 215 -8.99 14.77 11.25
CA GLY B 215 -7.62 14.88 11.81
C GLY B 215 -6.61 15.40 10.80
N ALA B 216 -6.68 14.95 9.55
CA ALA B 216 -5.71 15.34 8.49
C ALA B 216 -5.75 16.86 8.27
N GLU B 217 -6.95 17.44 8.17
CA GLU B 217 -7.14 18.91 7.97
C GLU B 217 -6.61 19.63 9.20
N ILE B 218 -6.82 19.05 10.37
CA ILE B 218 -6.37 19.64 11.67
C ILE B 218 -4.83 19.63 11.74
N LEU B 219 -4.15 18.53 11.39
CA LEU B 219 -2.68 18.54 11.55
C LEU B 219 -2.02 19.41 10.46
N THR B 220 -2.60 19.54 9.30
CA THR B 220 -2.11 20.44 8.24
C THR B 220 -2.15 21.86 8.78
N ALA B 221 -3.26 22.25 9.42
CA ALA B 221 -3.42 23.60 9.98
C ALA B 221 -2.41 23.80 11.13
N PHE B 222 -2.25 22.80 11.99
CA PHE B 222 -1.26 22.81 13.10
C PHE B 222 0.13 23.03 12.48
N THR B 223 0.49 22.20 11.48
CA THR B 223 1.83 22.29 10.86
C THR B 223 2.00 23.72 10.32
N ALA B 224 0.95 24.29 9.72
CA ALA B 224 0.99 25.65 9.12
C ALA B 224 1.23 26.68 10.23
N GLU B 225 0.68 26.44 11.43
CA GLU B 225 0.83 27.41 12.56
C GLU B 225 2.31 27.40 12.96
N VAL B 226 2.86 26.19 13.07
CA VAL B 226 4.31 25.95 13.37
C VAL B 226 5.17 26.68 12.33
N ARG B 227 4.89 26.48 11.02
CA ARG B 227 5.67 27.10 9.92
C ARG B 227 5.63 28.62 10.05
N ARG B 228 4.44 29.18 10.26
CA ARG B 228 4.22 30.65 10.45
C ARG B 228 5.09 31.13 11.62
N LEU B 229 5.04 30.39 12.73
CA LEU B 229 5.78 30.79 13.95
C LEU B 229 7.29 30.80 13.63
N LEU B 230 7.82 29.74 13.01
CA LEU B 230 9.27 29.69 12.72
C LEU B 230 9.65 30.80 11.73
N ASP B 231 8.74 31.26 10.86
CA ASP B 231 9.03 32.35 9.88
C ASP B 231 9.35 33.63 10.63
N ASP B 232 8.61 33.91 11.71
CA ASP B 232 8.84 35.07 12.62
C ASP B 232 10.25 34.95 13.25
N TRP B 233 10.59 33.79 13.80
CA TRP B 233 11.91 33.47 14.39
C TRP B 233 13.04 33.57 13.37
N GLU B 234 12.81 33.33 12.07
CA GLU B 234 13.86 33.46 11.02
C GLU B 234 14.39 34.89 10.99
N LYS B 235 13.49 35.87 11.14
CA LYS B 235 13.82 37.32 11.09
C LYS B 235 14.60 37.69 12.36
N ARG B 236 14.25 37.08 13.48
CA ARG B 236 14.91 37.29 14.78
C ARG B 236 16.29 36.62 14.77
N ARG B 237 16.40 35.36 14.32
CA ARG B 237 17.66 34.58 14.41
C ARG B 237 18.61 34.97 13.29
N GLY B 238 18.10 35.47 12.17
CA GLY B 238 18.91 35.92 11.01
C GLY B 238 19.35 34.76 10.17
N HIS B 239 18.58 33.69 10.15
CA HIS B 239 18.86 32.52 9.30
C HIS B 239 17.58 31.73 9.10
N LYS B 240 17.58 30.92 8.06
CA LYS B 240 16.47 30.00 7.71
C LYS B 240 16.33 28.99 8.84
N ILE B 241 15.08 28.68 9.19
CA ILE B 241 14.75 27.57 10.13
C ILE B 241 13.86 26.59 9.36
N HIS B 242 14.26 25.31 9.38
CA HIS B 242 13.57 24.21 8.70
C HIS B 242 12.51 23.63 9.61
N LEU B 243 11.48 23.09 9.01
CA LEU B 243 10.42 22.36 9.72
C LEU B 243 10.35 21.00 9.04
N GLY B 244 10.39 19.97 9.86
CA GLY B 244 10.28 18.57 9.42
C GLY B 244 9.29 17.81 10.26
N ALA B 245 9.07 16.55 9.85
CA ALA B 245 8.09 15.61 10.45
C ALA B 245 8.49 14.16 10.19
N ARG B 246 8.26 13.33 11.18
CA ARG B 246 8.25 11.86 11.04
C ARG B 246 6.81 11.38 10.83
N ILE B 247 6.62 10.51 9.88
CA ILE B 247 5.31 10.02 9.41
C ILE B 247 5.47 8.54 9.10
N PRO B 248 4.37 7.76 8.95
CA PRO B 248 4.49 6.37 8.57
C PRO B 248 5.11 6.14 7.19
N SER B 249 5.49 4.88 6.99
CA SER B 249 6.37 4.39 5.89
C SER B 249 5.58 4.26 4.58
N ARG B 250 4.25 4.11 4.61
CA ARG B 250 3.44 3.97 3.36
C ARG B 250 2.46 5.13 3.36
N PRO B 251 2.27 5.82 2.20
CA PRO B 251 1.33 6.93 2.08
C PRO B 251 -0.10 6.61 2.54
N ALA B 252 -0.66 5.44 2.22
CA ALA B 252 -2.06 5.18 2.64
C ALA B 252 -2.09 5.13 4.17
N THR B 253 -1.07 4.57 4.85
CA THR B 253 -1.09 4.50 6.34
C THR B 253 -0.95 5.91 6.92
N ALA B 254 -0.03 6.68 6.36
CA ALA B 254 0.18 8.10 6.73
C ALA B 254 -1.17 8.86 6.67
N LEU B 255 -1.89 8.78 5.54
CA LEU B 255 -3.15 9.57 5.34
C LEU B 255 -4.22 9.01 6.30
N GLY B 256 -4.26 7.69 6.47
CA GLY B 256 -5.16 6.94 7.37
C GLY B 256 -4.93 7.25 8.85
N LEU B 257 -3.73 7.73 9.28
CA LEU B 257 -3.50 8.24 10.65
C LEU B 257 -3.57 9.79 10.71
N GLY B 258 -4.09 10.45 9.68
CA GLY B 258 -4.33 11.90 9.66
C GLY B 258 -3.10 12.71 9.35
N MET B 259 -2.15 12.13 8.61
CA MET B 259 -0.87 12.82 8.20
C MET B 259 -0.84 12.89 6.66
N ASP B 260 -1.32 14.01 6.10
CA ASP B 260 -1.38 14.27 4.64
C ASP B 260 -0.11 15.03 4.24
N ALA B 261 1.00 14.32 4.16
CA ALA B 261 2.35 14.94 4.09
C ALA B 261 2.49 15.58 2.70
N VAL B 262 1.76 15.06 1.76
CA VAL B 262 1.81 15.60 0.37
C VAL B 262 1.28 17.01 0.35
N THR B 263 0.17 17.29 1.06
CA THR B 263 -0.38 18.65 1.24
C THR B 263 0.67 19.50 1.99
N TRP B 264 1.22 18.98 3.07
CA TRP B 264 2.25 19.73 3.86
C TRP B 264 3.36 20.15 2.92
N ALA B 265 3.92 19.20 2.15
CA ALA B 265 4.97 19.48 1.15
C ALA B 265 4.49 20.50 0.12
N ARG B 266 3.31 20.32 -0.50
CA ARG B 266 2.90 21.20 -1.63
C ARG B 266 2.70 22.63 -1.16
N ARG B 267 2.15 22.83 0.05
CA ARG B 267 1.86 24.19 0.56
C ARG B 267 3.13 24.80 1.19
N GLY B 268 4.28 24.13 1.08
CA GLY B 268 5.56 24.64 1.61
C GLY B 268 5.60 24.71 3.14
N LEU B 269 4.95 23.79 3.85
CA LEU B 269 4.90 23.85 5.33
C LEU B 269 6.14 23.14 5.87
N VAL B 270 6.57 22.09 5.20
CA VAL B 270 7.70 21.25 5.67
C VAL B 270 8.69 21.20 4.52
N ASP B 271 9.97 20.97 4.85
CA ASP B 271 10.99 20.79 3.80
C ASP B 271 11.81 19.54 4.13
N MET B 272 11.37 18.76 5.11
CA MET B 272 11.98 17.42 5.34
C MET B 272 10.88 16.50 5.87
N LEU B 273 10.91 15.27 5.41
CA LEU B 273 9.92 14.27 5.83
C LEU B 273 10.71 13.00 6.12
N VAL B 274 10.43 12.39 7.26
CA VAL B 274 11.08 11.10 7.58
C VAL B 274 10.03 10.03 7.54
N ILE B 275 10.19 9.09 6.66
CA ILE B 275 9.26 7.94 6.55
C ILE B 275 9.86 6.87 7.43
N THR B 276 9.10 6.32 8.35
CA THR B 276 9.70 5.49 9.40
C THR B 276 8.68 4.53 9.94
N PRO B 277 9.13 3.34 10.41
CA PRO B 277 8.31 2.56 11.32
C PRO B 277 8.27 3.24 12.70
N PHE B 278 7.48 2.61 13.56
CA PHE B 278 7.28 3.02 14.97
C PHE B 278 8.43 2.50 15.85
N TRP B 279 8.59 1.18 16.02
CA TRP B 279 9.62 0.63 16.95
C TRP B 279 9.86 -0.88 16.81
N ALA B 280 8.82 -1.68 16.55
CA ALA B 280 8.88 -3.17 16.52
C ALA B 280 10.04 -3.73 15.69
N SER B 281 10.32 -3.14 14.52
CA SER B 281 11.41 -3.50 13.62
C SER B 281 11.67 -2.36 12.63
N ALA B 282 12.91 -2.27 12.17
CA ALA B 282 13.26 -1.31 11.11
C ALA B 282 12.63 -1.86 9.82
N GLU B 283 12.13 -1.00 8.95
CA GLU B 283 11.58 -1.52 7.67
C GLU B 283 12.70 -1.49 6.63
N THR B 284 13.07 -2.67 6.14
CA THR B 284 14.13 -2.81 5.12
C THR B 284 13.51 -2.57 3.74
N ASP B 285 12.17 -2.49 3.71
CA ASP B 285 11.35 -2.35 2.47
C ASP B 285 10.34 -1.21 2.64
N MET B 286 10.64 -0.03 2.11
CA MET B 286 9.73 1.16 2.22
C MET B 286 9.62 1.80 0.84
N PRO B 287 8.40 2.18 0.40
CA PRO B 287 8.18 2.58 -1.00
C PRO B 287 8.77 3.99 -1.26
N VAL B 288 10.08 4.13 -1.15
CA VAL B 288 10.77 5.43 -1.30
C VAL B 288 10.38 6.06 -2.66
N GLU B 289 10.41 5.31 -3.75
CA GLU B 289 10.24 5.86 -5.13
C GLU B 289 8.83 6.46 -5.27
N ILE B 290 7.85 5.88 -4.59
CA ILE B 290 6.44 6.36 -4.61
C ILE B 290 6.37 7.72 -3.89
N TRP B 291 6.99 7.83 -2.72
CA TRP B 291 7.05 9.11 -1.97
C TRP B 291 7.77 10.14 -2.83
N ARG B 292 8.86 9.77 -3.51
CA ARG B 292 9.63 10.73 -4.33
C ARG B 292 8.70 11.25 -5.42
N GLN B 293 7.91 10.38 -6.06
CA GLN B 293 6.94 10.83 -7.09
C GLN B 293 5.92 11.77 -6.44
N LEU B 294 5.35 11.35 -5.31
CA LEU B 294 4.36 12.15 -4.55
C LEU B 294 4.93 13.54 -4.17
N LEU B 295 6.26 13.66 -3.97
CA LEU B 295 6.88 14.91 -3.43
C LEU B 295 7.57 15.74 -4.53
N GLU B 296 7.60 15.22 -5.74
CA GLU B 296 8.21 15.85 -6.94
C GLU B 296 7.83 17.33 -6.99
N GLY B 297 8.85 18.21 -7.04
CA GLY B 297 8.74 19.66 -7.30
C GLY B 297 8.61 20.45 -5.99
N THR B 298 8.43 19.78 -4.86
CA THR B 298 8.10 20.46 -3.58
C THR B 298 9.37 20.92 -2.84
N GLY B 299 10.57 20.42 -3.21
CA GLY B 299 11.88 20.71 -2.59
C GLY B 299 12.02 20.12 -1.19
N VAL B 300 11.19 19.13 -0.85
CA VAL B 300 11.26 18.39 0.43
C VAL B 300 12.37 17.33 0.40
N THR B 301 13.23 17.31 1.42
CA THR B 301 14.19 16.21 1.62
C THR B 301 13.46 15.02 2.21
N LEU B 302 13.45 13.90 1.49
CA LEU B 302 12.85 12.64 1.95
C LEU B 302 13.92 11.79 2.62
N ALA B 303 13.70 11.50 3.91
CA ALA B 303 14.63 10.71 4.72
C ALA B 303 13.95 9.37 4.94
N ALA B 304 14.71 8.31 4.82
CA ALA B 304 14.30 6.93 5.16
C ALA B 304 14.76 6.63 6.60
N GLY B 305 13.79 6.46 7.49
CA GLY B 305 14.00 6.24 8.94
C GLY B 305 14.23 4.76 9.26
N LEU B 306 15.34 4.46 9.93
CA LEU B 306 15.64 3.11 10.44
C LEU B 306 15.36 3.08 11.95
N GLU B 307 14.91 1.94 12.45
CA GLU B 307 14.80 1.64 13.89
C GLU B 307 15.89 0.64 14.27
N VAL B 308 16.21 0.54 15.56
CA VAL B 308 17.35 -0.30 15.97
C VAL B 308 17.01 -1.80 15.89
N LEU B 309 15.80 -2.20 16.30
CA LEU B 309 15.37 -3.63 16.25
C LEU B 309 15.32 -4.09 14.80
N LEU B 310 15.54 -5.39 14.63
CA LEU B 310 15.35 -6.10 13.36
C LEU B 310 14.67 -7.45 13.67
N ARG B 311 13.40 -7.57 13.29
CA ARG B 311 12.57 -8.72 13.68
C ARG B 311 11.76 -9.16 12.47
N PRO B 312 11.63 -10.49 12.25
CA PRO B 312 11.03 -11.03 11.04
C PRO B 312 9.51 -10.89 11.01
N TYR B 313 8.83 -10.90 12.16
CA TYR B 313 7.36 -10.72 12.21
C TYR B 313 6.89 -10.23 13.58
N PRO B 314 5.65 -9.66 13.66
CA PRO B 314 5.18 -8.97 14.84
C PRO B 314 5.20 -9.84 16.09
N ASP B 315 4.87 -11.13 15.97
CA ASP B 315 4.74 -12.05 17.12
C ASP B 315 6.05 -12.77 17.44
N SER B 316 7.16 -12.41 16.78
CA SER B 316 8.46 -13.09 17.04
C SER B 316 8.90 -12.78 18.48
N PRO B 317 9.31 -13.78 19.31
CA PRO B 317 9.92 -13.49 20.60
C PRO B 317 11.37 -12.99 20.50
N LEU B 318 12.00 -12.95 19.30
CA LEU B 318 13.40 -12.44 19.15
C LEU B 318 13.35 -10.91 19.22
N PHE B 319 14.20 -10.29 20.02
CA PHE B 319 14.35 -8.82 20.11
C PHE B 319 15.84 -8.52 19.98
N GLN B 320 16.43 -8.79 18.82
CA GLN B 320 17.84 -8.41 18.54
C GLN B 320 17.83 -7.12 17.72
N THR B 321 18.95 -6.39 17.76
CA THR B 321 19.14 -5.14 17.00
C THR B 321 19.75 -5.45 15.64
N ASN B 322 19.69 -4.45 14.77
CA ASN B 322 20.52 -4.39 13.54
C ASN B 322 22.02 -4.51 13.88
N SER B 323 22.78 -5.07 12.92
CA SER B 323 24.26 -5.06 12.90
C SER B 323 24.74 -4.03 11.86
N LEU B 324 26.05 -3.77 11.85
CA LEU B 324 26.66 -3.00 10.74
C LEU B 324 26.20 -3.59 9.36
N GLU B 325 26.23 -4.92 9.18
CA GLU B 325 25.96 -5.59 7.88
C GLU B 325 24.46 -5.37 7.53
N THR B 326 23.54 -5.46 8.48
CA THR B 326 22.08 -5.34 8.16
C THR B 326 21.74 -3.86 7.95
N VAL B 327 22.45 -2.95 8.63
CA VAL B 327 22.20 -1.50 8.40
C VAL B 327 22.79 -1.12 7.04
N ARG B 328 23.87 -1.80 6.65
CA ARG B 328 24.50 -1.58 5.31
C ARG B 328 23.47 -1.98 4.25
N GLY B 329 22.79 -3.12 4.48
CA GLY B 329 21.75 -3.61 3.58
C GLY B 329 20.59 -2.64 3.48
N ALA B 330 19.99 -2.28 4.62
CA ALA B 330 18.83 -1.35 4.62
C ALA B 330 19.22 -0.06 3.90
N ALA B 331 20.41 0.48 4.22
CA ALA B 331 20.86 1.80 3.73
C ALA B 331 21.18 1.75 2.26
N ALA B 332 21.84 0.70 1.79
CA ALA B 332 22.13 0.49 0.36
C ALA B 332 20.77 0.47 -0.37
N SER B 333 19.83 -0.27 0.20
CA SER B 333 18.50 -0.47 -0.45
C SER B 333 17.79 0.88 -0.58
N LEU B 334 17.65 1.58 0.55
CA LEU B 334 16.82 2.82 0.62
C LEU B 334 17.51 3.91 -0.19
N LEU B 335 18.84 4.05 -0.13
CA LEU B 335 19.52 5.09 -0.95
C LEU B 335 19.30 4.77 -2.42
N ASP B 336 19.33 3.49 -2.79
CA ASP B 336 19.21 3.06 -4.20
C ASP B 336 17.82 3.42 -4.70
N ARG B 337 16.85 3.47 -3.80
CA ARG B 337 15.42 3.72 -4.18
C ARG B 337 15.19 5.23 -4.27
N GLY B 338 16.16 6.05 -3.84
CA GLY B 338 16.07 7.53 -3.93
C GLY B 338 15.99 8.25 -2.59
N ALA B 339 16.22 7.61 -1.44
CA ALA B 339 16.26 8.30 -0.13
C ALA B 339 17.33 9.39 -0.19
N GLN B 340 17.03 10.59 0.28
CA GLN B 340 17.95 11.78 0.24
C GLN B 340 18.64 11.92 1.59
N ARG B 341 18.33 11.05 2.53
CA ARG B 341 18.99 10.96 3.85
C ARG B 341 18.71 9.57 4.42
N ILE B 342 19.66 8.95 5.13
CA ILE B 342 19.33 7.86 6.07
C ILE B 342 19.20 8.48 7.48
N TYR B 343 18.07 8.24 8.13
CA TYR B 343 17.75 8.79 9.46
C TYR B 343 17.79 7.62 10.45
N LEU B 344 18.54 7.71 11.52
CA LEU B 344 18.69 6.65 12.53
C LEU B 344 17.92 7.05 13.77
N PHE B 345 17.02 6.17 14.25
CA PHE B 345 16.24 6.36 15.49
C PHE B 345 16.66 5.18 16.39
N ASN B 346 17.04 5.52 17.64
CA ASN B 346 17.45 4.53 18.67
C ASN B 346 18.84 3.98 18.35
N TYR B 347 19.65 4.69 17.56
CA TYR B 347 21.05 4.23 17.32
C TYR B 347 21.95 5.15 18.12
N MET B 348 21.91 5.00 19.42
CA MET B 348 22.66 5.95 20.30
C MET B 348 23.99 5.31 20.72
N ASP B 349 24.80 6.02 21.55
CA ASP B 349 26.19 5.63 21.90
C ASP B 349 26.26 4.60 23.03
N SER B 350 25.12 4.20 23.61
CA SER B 350 25.04 3.21 24.74
C SER B 350 23.58 2.89 25.07
N GLN B 351 23.34 1.71 25.66
CA GLN B 351 22.02 1.21 26.18
C GLN B 351 21.01 1.00 25.05
N THR B 352 20.54 2.08 24.42
CA THR B 352 19.63 2.01 23.25
C THR B 352 20.55 2.18 22.04
N ALA B 353 21.10 1.05 21.57
CA ALA B 353 22.12 1.08 20.51
C ALA B 353 22.28 -0.31 19.87
N MET B 354 23.05 -0.36 18.79
CA MET B 354 23.34 -1.63 18.08
C MET B 354 24.15 -2.54 19.02
N GLU B 355 23.87 -3.84 18.99
CA GLU B 355 24.60 -4.84 19.83
C GLU B 355 26.11 -4.80 19.48
N ASP B 356 26.46 -4.75 18.19
CA ASP B 356 27.89 -4.64 17.79
C ASP B 356 28.30 -3.16 17.88
N LEU B 357 28.41 -2.65 19.10
CA LEU B 357 28.67 -1.20 19.36
C LEU B 357 30.07 -0.81 18.89
N GLU B 358 31.02 -1.74 18.86
CA GLU B 358 32.40 -1.52 18.34
C GLU B 358 32.34 -1.00 16.88
N ASN B 359 31.22 -1.29 16.21
CA ASN B 359 31.03 -0.93 14.77
C ASN B 359 30.31 0.41 14.57
N TYR B 360 29.89 1.04 15.67
CA TYR B 360 29.13 2.33 15.62
C TYR B 360 29.90 3.38 14.82
N PRO B 361 31.20 3.62 15.09
CA PRO B 361 31.97 4.63 14.34
C PRO B 361 32.05 4.32 12.83
N THR B 362 32.23 3.04 12.48
CA THR B 362 32.30 2.64 11.05
C THR B 362 30.94 2.92 10.41
N LEU B 363 29.87 2.50 11.07
CA LEU B 363 28.47 2.71 10.59
C LEU B 363 28.25 4.18 10.24
N LEU B 364 28.65 5.10 11.13
CA LEU B 364 28.44 6.57 10.95
C LEU B 364 29.27 7.13 9.79
N ARG B 365 30.30 6.40 9.36
CA ARG B 365 31.17 6.82 8.24
C ARG B 365 30.86 6.08 6.92
N GLU B 366 29.89 5.16 6.89
CA GLU B 366 29.63 4.34 5.67
C GLU B 366 28.19 4.44 5.14
N ILE B 367 27.16 4.53 6.01
CA ILE B 367 25.77 4.19 5.57
C ILE B 367 25.12 5.38 4.86
N GLY B 368 25.79 6.54 4.80
CA GLY B 368 25.19 7.78 4.25
C GLY B 368 25.44 7.95 2.75
N SER B 369 26.05 6.97 2.08
CA SER B 369 26.45 7.07 0.66
C SER B 369 26.59 5.70 0.03
N LEU B 370 26.08 5.51 -1.16
CA LEU B 370 26.31 4.24 -1.92
C LEU B 370 27.82 4.02 -2.19
N GLU B 371 28.57 5.10 -2.42
CA GLU B 371 30.06 5.06 -2.59
C GLU B 371 30.74 4.32 -1.41
N THR B 372 30.40 4.67 -0.18
CA THR B 372 31.12 4.19 1.04
C THR B 372 30.57 2.82 1.45
N LEU B 373 29.39 2.39 0.94
CA LEU B 373 28.77 1.04 1.15
C LEU B 373 29.30 0.03 0.10
N ALA B 374 29.77 0.54 -1.03
CA ALA B 374 30.10 -0.24 -2.26
C ALA B 374 31.19 -1.25 -1.95
N GLY B 375 30.97 -2.51 -2.33
CA GLY B 375 31.96 -3.61 -2.20
C GLY B 375 32.10 -4.06 -0.76
N LYS B 376 31.17 -3.66 0.13
CA LYS B 376 31.22 -4.05 1.55
C LYS B 376 30.12 -5.06 1.84
N PRO B 377 30.39 -6.09 2.68
CA PRO B 377 29.39 -7.10 3.05
C PRO B 377 28.13 -6.50 3.69
N ARG B 378 26.99 -6.98 3.19
CA ARG B 378 25.64 -6.46 3.57
C ARG B 378 24.67 -7.62 3.67
N ARG B 379 23.60 -7.43 4.45
CA ARG B 379 22.51 -8.43 4.61
C ARG B 379 21.18 -7.70 4.39
N HIS B 380 20.37 -8.20 3.46
CA HIS B 380 19.02 -7.62 3.19
C HIS B 380 18.00 -8.57 3.82
N VAL B 381 17.50 -8.21 5.00
CA VAL B 381 16.58 -9.11 5.75
C VAL B 381 15.12 -8.69 5.55
N LEU B 382 14.26 -9.69 5.34
CA LEU B 382 12.80 -9.54 5.18
C LEU B 382 12.19 -9.25 6.57
N THR B 383 11.55 -8.10 6.72
CA THR B 383 10.80 -7.76 7.93
C THR B 383 9.36 -7.34 7.52
N PHE B 384 8.83 -6.36 8.20
CA PHE B 384 7.39 -6.05 8.26
C PHE B 384 7.18 -4.61 8.72
N ALA B 385 6.04 -4.07 8.34
CA ALA B 385 5.60 -2.73 8.75
C ALA B 385 4.77 -2.89 10.01
N ASP B 386 5.23 -2.30 11.12
CA ASP B 386 4.57 -2.44 12.46
C ASP B 386 3.34 -1.51 12.61
N THR B 387 3.17 -0.52 11.75
CA THR B 387 2.13 0.53 11.95
C THR B 387 1.15 0.57 10.77
N TRP B 388 -0.13 0.54 11.09
CA TRP B 388 -1.27 0.46 10.14
C TRP B 388 -2.40 1.35 10.72
N ALA B 389 -3.12 2.07 9.87
CA ALA B 389 -4.24 2.95 10.30
C ALA B 389 -5.34 2.03 10.81
N PRO B 390 -6.18 2.50 11.77
CA PRO B 390 -7.16 1.64 12.42
C PRO B 390 -8.08 1.01 11.38
N GLY B 391 -8.18 -0.32 11.42
CA GLY B 391 -8.99 -1.17 10.52
C GLY B 391 -8.39 -1.35 9.12
N GLU B 392 -7.18 -0.84 8.88
CA GLU B 392 -6.47 -1.00 7.59
C GLU B 392 -5.98 -2.43 7.55
N PRO B 393 -6.29 -3.17 6.48
CA PRO B 393 -5.73 -4.51 6.25
C PRO B 393 -4.19 -4.42 6.30
N ARG B 394 -3.55 -5.39 6.94
CA ARG B 394 -2.10 -5.50 7.20
C ARG B 394 -1.47 -6.57 6.27
N ALA B 395 -0.36 -6.21 5.64
CA ALA B 395 0.40 -7.05 4.68
C ALA B 395 1.68 -7.42 5.41
N ILE B 396 1.75 -8.61 6.02
CA ILE B 396 2.91 -9.11 6.82
C ILE B 396 3.51 -10.33 6.12
N PRO B 397 4.72 -10.28 5.52
CA PRO B 397 5.26 -11.42 4.77
C PRO B 397 5.46 -12.75 5.53
N LEU B 398 5.92 -12.66 6.79
CA LEU B 398 6.37 -13.81 7.56
C LEU B 398 5.52 -13.98 8.80
N PRO B 399 5.39 -15.20 9.36
CA PRO B 399 5.89 -16.41 8.74
C PRO B 399 5.01 -16.90 7.56
N ALA B 400 5.54 -17.81 6.76
CA ALA B 400 4.94 -18.26 5.49
C ALA B 400 5.01 -19.79 5.39
N THR B 401 3.86 -20.44 5.35
CA THR B 401 3.74 -21.90 5.14
C THR B 401 3.80 -22.22 3.63
N CYS B 402 4.55 -23.24 3.25
CA CYS B 402 4.54 -23.81 1.88
C CYS B 402 4.08 -25.27 2.02
N ARG B 403 2.95 -25.63 1.43
CA ARG B 403 2.47 -27.02 1.43
C ARG B 403 3.18 -27.78 0.32
N PRO B 404 3.23 -29.13 0.41
CA PRO B 404 3.97 -29.94 -0.55
C PRO B 404 3.53 -29.61 -1.98
N GLY B 405 4.49 -29.26 -2.82
CA GLY B 405 4.24 -29.01 -4.25
C GLY B 405 3.74 -27.60 -4.53
N GLU B 406 3.54 -26.76 -3.52
CA GLU B 406 3.06 -25.36 -3.65
C GLU B 406 4.30 -24.46 -3.78
N TRP B 407 4.11 -23.23 -4.30
CA TRP B 407 5.14 -22.18 -4.49
C TRP B 407 4.88 -21.03 -3.52
N ARG B 408 5.94 -20.51 -2.91
CA ARG B 408 5.86 -19.23 -2.16
C ARG B 408 6.89 -18.29 -2.75
N ALA B 409 6.61 -17.01 -2.80
CA ALA B 409 7.57 -16.00 -3.30
C ALA B 409 7.82 -14.91 -2.24
N PHE B 410 9.06 -14.43 -2.20
CA PHE B 410 9.46 -13.35 -1.27
C PHE B 410 10.27 -12.36 -2.09
N ARG B 411 9.84 -11.10 -2.14
CA ARG B 411 10.60 -10.06 -2.83
C ARG B 411 11.36 -9.26 -1.78
N LEU B 412 12.66 -9.19 -1.92
CA LEU B 412 13.53 -8.48 -0.95
C LEU B 412 14.26 -7.41 -1.75
N HIS B 413 14.25 -6.18 -1.27
CA HIS B 413 14.93 -5.04 -1.93
C HIS B 413 16.42 -5.04 -1.58
N THR B 414 17.32 -5.25 -2.55
CA THR B 414 18.77 -5.42 -2.30
C THR B 414 19.53 -4.29 -3.00
N GLY B 415 18.83 -3.22 -3.37
CA GLY B 415 19.45 -1.96 -3.84
C GLY B 415 20.38 -2.22 -5.02
N PRO B 416 21.65 -1.72 -4.96
CA PRO B 416 22.54 -1.79 -6.11
C PRO B 416 22.85 -3.24 -6.46
N LYS B 417 22.98 -3.47 -7.76
CA LYS B 417 23.37 -4.78 -8.30
C LYS B 417 24.66 -5.18 -7.59
N PRO B 418 24.85 -6.44 -7.16
CA PRO B 418 26.08 -6.83 -6.46
C PRO B 418 27.36 -6.73 -7.30
N GLU B 419 28.46 -6.35 -6.65
CA GLU B 419 29.81 -6.36 -7.30
C GLU B 419 30.28 -7.80 -7.33
N PRO B 420 31.39 -8.13 -8.04
CA PRO B 420 31.82 -9.53 -8.14
C PRO B 420 32.03 -10.14 -6.72
N GLY B 421 31.48 -11.33 -6.49
CA GLY B 421 31.65 -12.07 -5.22
C GLY B 421 30.47 -12.95 -4.91
N GLU B 422 30.07 -13.09 -3.64
CA GLU B 422 29.12 -14.14 -3.20
C GLU B 422 27.73 -13.54 -2.95
N VAL B 423 26.68 -14.23 -3.36
CA VAL B 423 25.26 -13.88 -3.03
C VAL B 423 24.62 -15.16 -2.50
N ILE B 424 24.14 -15.17 -1.25
CA ILE B 424 23.38 -16.32 -0.65
C ILE B 424 21.93 -15.87 -0.42
N ALA B 425 20.94 -16.59 -0.97
CA ALA B 425 19.56 -16.50 -0.47
C ALA B 425 19.45 -17.43 0.74
N ALA B 426 19.10 -16.92 1.94
CA ALA B 426 19.12 -17.73 3.19
C ALA B 426 17.71 -17.73 3.76
N LEU B 427 17.20 -18.92 4.12
CA LEU B 427 15.81 -19.13 4.54
C LEU B 427 15.83 -19.91 5.83
N GLY B 428 15.18 -19.34 6.84
CA GLY B 428 14.96 -20.01 8.12
C GLY B 428 13.65 -20.77 8.14
N ILE B 429 13.68 -21.98 8.69
CA ILE B 429 12.53 -22.91 8.80
C ILE B 429 12.17 -23.09 10.27
N GLU B 430 10.95 -22.76 10.67
CA GLU B 430 10.43 -22.92 12.06
C GLU B 430 9.77 -24.28 12.23
N GLY B 431 9.75 -24.77 13.46
CA GLY B 431 8.96 -25.95 13.87
C GLY B 431 9.69 -27.29 13.80
N GLY B 432 11.03 -27.34 13.91
CA GLY B 432 11.83 -28.59 14.05
C GLY B 432 12.54 -29.02 12.77
N ALA B 434 14.79 -32.04 10.05
CA ALA B 434 13.87 -31.17 9.26
C ALA B 434 14.05 -31.50 7.76
N ILE B 435 14.98 -30.85 7.03
CA ILE B 435 14.93 -30.92 5.54
C ILE B 435 16.18 -31.58 4.94
N GLY B 436 16.04 -32.06 3.71
CA GLY B 436 17.12 -32.60 2.87
C GLY B 436 17.60 -31.56 1.87
N PRO B 437 18.70 -31.87 1.13
CA PRO B 437 19.17 -31.00 0.07
C PRO B 437 18.19 -30.87 -1.11
N GLU B 438 17.25 -31.80 -1.31
CA GLU B 438 16.24 -31.65 -2.40
C GLU B 438 14.83 -31.42 -1.82
N THR B 439 14.67 -31.17 -0.52
CA THR B 439 13.34 -30.82 0.07
C THR B 439 12.87 -29.48 -0.52
N LEU B 440 13.77 -28.51 -0.69
CA LEU B 440 13.42 -27.20 -1.30
C LEU B 440 13.95 -27.10 -2.74
N GLU B 441 13.18 -26.47 -3.60
CA GLU B 441 13.73 -25.93 -4.85
C GLU B 441 13.67 -24.43 -4.65
N VAL B 442 14.79 -23.76 -4.85
CA VAL B 442 14.89 -22.30 -4.62
C VAL B 442 15.38 -21.68 -5.93
N ARG B 443 14.67 -20.66 -6.35
CA ARG B 443 15.02 -19.91 -7.56
C ARG B 443 15.12 -18.44 -7.17
N VAL B 444 16.02 -17.72 -7.81
CA VAL B 444 16.04 -16.24 -7.70
C VAL B 444 15.94 -15.64 -9.10
N ASN B 445 14.92 -14.78 -9.29
CA ASN B 445 14.55 -14.29 -10.66
C ASN B 445 14.52 -15.44 -11.66
N GLY B 446 14.03 -16.60 -11.23
CA GLY B 446 13.79 -17.78 -12.07
C GLY B 446 14.99 -18.72 -12.14
N GLU B 447 16.17 -18.31 -11.67
CA GLU B 447 17.41 -19.14 -11.84
C GLU B 447 17.56 -20.09 -10.63
N LEU B 448 17.84 -21.36 -10.88
CA LEU B 448 18.03 -22.36 -9.81
C LEU B 448 19.26 -21.99 -8.97
N CYS B 449 19.11 -22.13 -7.65
CA CYS B 449 20.12 -21.76 -6.62
C CYS B 449 20.60 -23.09 -6.02
N ALA B 450 21.90 -23.27 -5.86
CA ALA B 450 22.42 -24.55 -5.35
C ALA B 450 22.30 -24.52 -3.82
N PHE B 451 21.90 -25.64 -3.25
CA PHE B 451 21.91 -25.92 -1.82
C PHE B 451 23.33 -25.68 -1.29
N LEU B 452 23.47 -24.93 -0.20
CA LEU B 452 24.78 -24.73 0.48
C LEU B 452 24.83 -25.47 1.80
N GLY B 453 23.67 -25.71 2.40
CA GLY B 453 23.57 -26.28 3.76
C GLY B 453 23.33 -25.17 4.77
N LEU B 454 23.43 -25.52 6.05
CA LEU B 454 23.20 -24.60 7.21
C LEU B 454 24.19 -23.43 7.15
N VAL B 455 23.72 -22.22 7.32
CA VAL B 455 24.50 -20.95 7.34
C VAL B 455 24.62 -20.55 8.82
N ASP B 456 25.83 -20.24 9.29
CA ASP B 456 26.08 -19.76 10.66
C ASP B 456 26.00 -18.21 10.61
N LEU B 457 24.80 -17.67 10.73
CA LEU B 457 24.59 -16.21 10.73
C LEU B 457 25.20 -15.59 11.99
N SER B 458 25.74 -14.38 11.85
CA SER B 458 26.01 -13.53 13.03
C SER B 458 24.72 -12.74 13.35
N LYS B 459 24.64 -12.19 14.56
CA LYS B 459 23.45 -11.45 15.04
C LYS B 459 23.23 -10.24 14.14
N PRO B 460 21.96 -9.85 13.84
CA PRO B 460 20.73 -10.55 14.27
C PRO B 460 20.42 -11.86 13.50
N ARG B 461 19.97 -12.89 14.21
CA ARG B 461 19.76 -14.24 13.67
C ARG B 461 18.60 -14.90 14.39
N PRO B 462 17.85 -15.73 13.66
CA PRO B 462 16.74 -16.49 14.24
C PRO B 462 17.29 -17.59 15.15
N ASP B 463 16.45 -18.13 16.04
CA ASP B 463 16.80 -19.29 16.89
C ASP B 463 16.17 -20.54 16.29
N PHE B 464 16.31 -20.69 14.98
CA PHE B 464 15.95 -21.92 14.22
C PHE B 464 16.89 -21.98 13.04
N PRO B 465 17.06 -23.18 12.45
CA PRO B 465 18.03 -23.38 11.37
C PRO B 465 17.78 -22.46 10.17
N VAL B 466 18.88 -21.95 9.64
CA VAL B 466 18.90 -21.13 8.40
C VAL B 466 19.67 -21.89 7.32
N TYR B 467 19.01 -22.12 6.18
CA TYR B 467 19.64 -22.84 5.04
C TYR B 467 20.01 -21.82 3.97
N GLY B 468 21.18 -22.04 3.37
CA GLY B 468 21.76 -21.17 2.33
C GLY B 468 21.64 -21.78 0.95
N PHE B 469 21.38 -20.92 -0.01
CA PHE B 469 21.19 -21.29 -1.41
C PHE B 469 22.05 -20.29 -2.16
N SER B 470 22.94 -20.83 -2.99
CA SER B 470 23.96 -20.05 -3.70
C SER B 470 23.26 -19.43 -4.94
N VAL B 471 23.27 -18.12 -5.06
CA VAL B 471 22.57 -17.38 -6.16
C VAL B 471 23.56 -17.13 -7.29
N PRO B 472 23.27 -17.52 -8.56
CA PRO B 472 24.14 -17.19 -9.69
C PRO B 472 24.24 -15.67 -9.76
N LEU B 473 25.47 -15.15 -9.71
CA LEU B 473 25.73 -13.71 -9.48
C LEU B 473 24.82 -12.91 -10.43
N ALA B 474 24.82 -13.29 -11.70
CA ALA B 474 24.17 -12.58 -12.83
C ALA B 474 22.64 -12.58 -12.69
N ALA B 475 22.02 -13.45 -11.88
CA ALA B 475 20.56 -13.42 -11.64
C ALA B 475 20.15 -12.13 -10.93
N MET B 476 21.03 -11.65 -10.04
CA MET B 476 20.70 -10.47 -9.21
C MET B 476 20.52 -9.24 -10.09
N ARG B 477 19.46 -8.47 -9.80
CA ARG B 477 19.16 -7.23 -10.56
C ARG B 477 19.14 -6.05 -9.58
N ARG B 478 19.17 -4.83 -10.10
CA ARG B 478 19.11 -3.63 -9.24
C ARG B 478 17.70 -3.53 -8.64
N GLY B 479 17.60 -3.30 -7.33
CA GLY B 479 16.29 -3.15 -6.67
C GLY B 479 15.74 -4.45 -6.11
N TYR B 480 14.46 -4.77 -6.35
CA TYR B 480 13.84 -6.00 -5.80
C TYR B 480 14.45 -7.20 -6.53
N ASN B 481 14.58 -8.29 -5.81
CA ASN B 481 15.02 -9.59 -6.32
C ASN B 481 14.10 -10.62 -5.67
N LEU B 482 13.67 -11.60 -6.46
CA LEU B 482 12.57 -12.50 -6.11
C LEU B 482 13.08 -13.88 -5.74
N ILE B 483 12.94 -14.24 -4.49
CA ILE B 483 13.12 -15.65 -4.05
C ILE B 483 11.83 -16.39 -4.37
N GLU B 484 11.86 -17.46 -5.11
CA GLU B 484 10.69 -18.35 -5.19
C GLU B 484 11.16 -19.68 -4.64
N VAL B 485 10.29 -20.37 -3.92
CA VAL B 485 10.59 -21.68 -3.27
C VAL B 485 9.40 -22.60 -3.49
N THR B 486 9.63 -23.89 -3.72
CA THR B 486 8.60 -24.96 -3.61
C THR B 486 9.18 -26.00 -2.65
N ALA B 487 8.35 -26.70 -1.92
CA ALA B 487 8.78 -27.68 -0.92
C ALA B 487 8.11 -29.01 -1.22
N ARG B 488 8.82 -30.12 -0.94
CA ARG B 488 8.27 -31.48 -1.11
C ARG B 488 7.63 -31.92 0.22
N GLN B 489 7.80 -31.12 1.27
CA GLN B 489 7.22 -31.38 2.62
C GLN B 489 6.68 -30.07 3.19
N GLU B 490 5.59 -30.13 3.97
CA GLU B 490 5.02 -28.90 4.56
C GLU B 490 6.13 -28.24 5.41
N LEU B 491 6.31 -26.93 5.24
CA LEU B 491 7.40 -26.15 5.89
C LEU B 491 6.85 -24.79 6.26
N ARG B 492 7.30 -24.23 7.37
CA ARG B 492 6.98 -22.82 7.70
C ARG B 492 8.28 -22.00 7.71
N PHE B 493 8.33 -20.95 6.88
CA PHE B 493 9.48 -20.01 6.87
C PHE B 493 9.30 -18.90 7.92
N GLY B 494 10.35 -18.63 8.72
CA GLY B 494 10.35 -17.59 9.78
C GLY B 494 11.40 -16.54 9.50
N TRP B 495 12.14 -16.68 8.40
CA TRP B 495 13.27 -15.79 8.09
C TRP B 495 13.64 -15.90 6.62
N ALA B 496 13.94 -14.77 6.01
CA ALA B 496 14.52 -14.68 4.65
C ALA B 496 15.53 -13.53 4.58
N GLU B 497 16.67 -13.77 3.91
CA GLU B 497 17.58 -12.66 3.60
C GLU B 497 18.43 -12.98 2.40
N PHE B 498 18.94 -11.91 1.80
CA PHE B 498 20.10 -11.94 0.87
C PHE B 498 21.35 -11.43 1.63
N LEU B 499 22.43 -12.21 1.64
CA LEU B 499 23.81 -11.89 2.07
C LEU B 499 24.64 -11.66 0.80
N ILE B 500 25.23 -10.48 0.69
CA ILE B 500 26.04 -10.10 -0.49
C ILE B 500 27.42 -9.74 0.06
N ARG B 501 28.43 -10.53 -0.29
CA ARG B 501 29.83 -10.43 0.22
C ARG B 501 30.70 -10.35 -1.03
N PRO B 502 31.05 -9.13 -1.48
CA PRO B 502 31.90 -8.93 -2.66
C PRO B 502 33.39 -9.09 -2.33
C1 GOL C . 4.20 4.23 -9.16
O1 GOL C . 5.52 4.74 -9.23
C2 GOL C . 3.71 3.84 -10.55
O2 GOL C . 3.99 4.90 -11.47
C3 GOL C . 2.23 3.50 -10.57
O3 GOL C . 1.88 2.82 -11.77
C1 GOL D . -5.87 -1.14 0.00
O1 GOL D . -6.32 -0.47 -1.17
C2 GOL D . -6.36 -2.58 0.05
O2 GOL D . -5.37 -3.39 0.67
C3 GOL D . -7.69 -2.69 0.79
O3 GOL D . -8.26 -3.99 0.70
C1 GOL E . -19.95 -14.34 -14.92
O1 GOL E . -21.33 -14.66 -14.89
C2 GOL E . -19.33 -14.45 -13.55
O2 GOL E . -18.00 -13.94 -13.61
C3 GOL E . -19.36 -15.87 -13.01
O3 GOL E . -18.42 -16.08 -11.97
C1 SLB F . -13.13 -11.74 -18.38
C2 SLB F . -14.30 -12.12 -19.31
C3 SLB F . -15.39 -12.59 -18.35
C4 SLB F . -16.59 -13.26 -19.01
C5 SLB F . -16.14 -14.35 -19.99
C6 SLB F . -15.09 -13.75 -20.93
C7 SLB F . -14.49 -14.78 -21.87
C8 SLB F . -13.39 -14.19 -22.74
C9 SLB F . -12.71 -15.20 -23.65
C10 SLB F . -17.73 -16.17 -20.46
C11 SLB F . -19.04 -16.44 -21.13
N5 SLB F . -17.21 -14.99 -20.73
O1A SLB F . -13.30 -11.43 -17.27
O1B SLB F . -12.05 -11.75 -18.81
O2 SLB F . -14.91 -11.02 -19.81
O4 SLB F . -17.48 -13.80 -18.05
O6 SLB F . -14.00 -13.24 -20.11
O7 SLB F . -14.02 -15.92 -21.14
O8 SLB F . -13.87 -13.10 -23.46
O9 SLB F . -11.94 -14.55 -24.65
O10 SLB F . -17.19 -16.98 -19.72
C1 GOL G . 8.22 -7.13 -8.19
O1 GOL G . 7.34 -8.07 -7.58
C2 GOL G . 9.65 -7.30 -7.73
O2 GOL G . 10.53 -6.73 -8.71
C3 GOL G . 10.03 -8.74 -7.47
O3 GOL G . 11.43 -8.90 -7.28
C1 GOL H . 0.37 10.82 3.12
O1 GOL H . 1.35 11.58 3.80
C2 GOL H . 0.00 11.44 1.79
O2 GOL H . -0.36 12.81 1.93
C3 GOL H . -1.10 10.68 1.08
O3 GOL H . -2.11 11.57 0.60
C1 GOL I . -5.17 24.12 14.17
O1 GOL I . -5.34 22.70 14.18
C2 GOL I . -4.17 24.63 15.21
O2 GOL I . -3.46 25.73 14.65
C3 GOL I . -4.79 25.06 16.53
O3 GOL I . -5.95 24.32 16.90
C1 GOL J . 5.33 -3.07 2.25
O1 GOL J . 5.71 -4.11 3.15
C2 GOL J . 6.20 -1.83 2.41
O2 GOL J . 5.79 -0.82 1.50
C3 GOL J . 6.22 -1.24 3.83
O3 GOL J . 6.80 0.06 3.91
C1 GOL K . 20.08 22.80 45.28
O1 GOL K . 21.00 22.75 44.19
C2 GOL K . 19.89 21.41 45.86
O2 GOL K . 21.05 21.03 46.58
C3 GOL K . 18.65 21.26 46.72
O3 GOL K . 18.41 19.88 47.02
C1 GOL L . 15.40 -2.73 22.70
O1 GOL L . 16.75 -3.13 22.92
C2 GOL L . 15.33 -1.27 22.29
O2 GOL L . 14.92 -1.16 20.93
C3 GOL L . 14.37 -0.46 23.13
O3 GOL L . 14.02 0.77 22.49
C1 GOL M . 37.27 14.04 17.50
O1 GOL M . 36.84 14.80 16.38
C2 GOL M . 36.66 14.56 18.79
O2 GOL M . 36.78 15.98 18.81
C3 GOL M . 37.25 13.97 20.05
O3 GOL M . 37.87 14.95 20.87
C1 GOL N . 23.00 18.29 45.59
O1 GOL N . 23.59 18.49 44.32
C2 GOL N . 22.01 17.15 45.58
O2 GOL N . 21.13 17.28 46.70
C3 GOL N . 22.69 15.79 45.58
O3 GOL N . 21.80 14.73 45.92
O1 PG4 O . 25.37 14.16 41.36
C1 PG4 O . 26.04 13.02 40.85
C2 PG4 O . 25.16 11.81 40.76
O2 PG4 O . 23.78 12.14 40.68
C3 PG4 O . 23.03 11.26 39.82
C4 PG4 O . 22.83 11.87 38.42
O3 PG4 O . 23.99 12.56 37.94
C5 PG4 O . 24.02 13.98 38.14
C6 PG4 O . 24.32 14.72 36.86
O4 PG4 O . 25.13 15.85 37.12
C7 PG4 O . 25.03 16.91 36.17
C8 PG4 O . 25.87 18.07 36.60
O5 PG4 O . 25.76 19.22 35.75
C1 SLB P . 11.70 4.94 22.05
C2 SLB P . 12.82 5.20 23.04
C3 SLB P . 13.53 3.85 23.07
C4 SLB P . 14.60 3.76 24.17
C5 SLB P . 14.01 4.13 25.53
C6 SLB P . 13.35 5.51 25.42
C7 SLB P . 12.59 5.93 26.67
C8 SLB P . 11.89 7.28 26.49
C9 SLB P . 11.19 7.83 27.73
C10 SLB P . 15.02 3.26 27.58
C11 SLB P . 13.93 2.24 27.62
N5 SLB P . 14.97 4.14 26.60
O1A SLB P . 10.69 5.47 22.23
O1B SLB P . 11.82 4.25 21.11
O2 SLB P . 13.75 6.05 22.54
O4 SLB P . 15.20 2.47 24.25
O6 SLB P . 12.38 5.45 24.36
O7 SLB P . 11.64 4.94 27.03
O8 SLB P . 12.80 8.18 26.04
O9 SLB P . 10.68 9.13 27.51
O10 SLB P . 15.92 3.26 28.39
#